data_8TFF
#
_entry.id   8TFF
#
_cell.length_a   84.320
_cell.length_b   97.518
_cell.length_c   131.258
_cell.angle_alpha   90.00
_cell.angle_beta   90.00
_cell.angle_gamma   90.00
#
_symmetry.space_group_name_H-M   'P 21 21 21'
#
loop_
_entity.id
_entity.type
_entity.pdbx_description
1 polymer 'Response regulator receiver protein'
2 non-polymer 'CALCIUM ION'
3 non-polymer 'ACETATE ION'
4 non-polymer 'BERYLLIUM TRIFLUORIDE ION'
5 water water
#
_entity_poly.entity_id   1
_entity_poly.type   'polypeptide(L)'
_entity_poly.pdbx_seq_one_letter_code
;GSHMDKIRILWVDDEIDLLKPHILFLEKKNYEVTTSNNGLDAIALFEEENFDIVFLDENMPGMSGLETLSEMKEKKSAIP
MIMITKSEEEYIMEEAIGSKIADYLIKPVNPNQILLSLKKNLDDSRLITEKTTLDYQKEFRKISMELAMVNSYEDWVELY
KKLLFWELKLEDINDQAMIEILESQKVEANSQFGKYIERNYEDWFAPKADKPIQSHNLFKELVVPEIKKKDKPILFVVID
NLRYDQWKSFETVISNYYKLEKEVPYFSILPTATQYARNAIFSGLMPLDMEKQFPQYWKNDVEDGGKNLYEAEFLSAQIK
RLGLNIKEDYFKITNYAGGKKLAENFKALKGNDLVTVVYNFVDMLSHAKTEMEVVKELASDDKAYRSLTLSWFKNSPLLE
IIQQAQLLGFKLILTTDHGTINVKNPSKVVGDKNTSLNLRYKTGRSLTYEQKDVYVVKEPKTIGLPAINMSSSFIFAKND
FFLAYVNNYNHYVSYYKNTYQHGGISLEEMIIPFLVFNPK
;
_entity_poly.pdbx_strand_id   A,B
#
# COMPACT_ATOMS: atom_id res chain seq x y z
N MET A 4 14.56 20.53 -22.05
CA MET A 4 13.36 20.11 -22.83
C MET A 4 12.12 20.36 -21.96
N ASP A 5 11.52 21.56 -22.12
CA ASP A 5 10.41 21.98 -21.31
C ASP A 5 9.12 21.41 -21.90
N LYS A 6 9.05 21.29 -23.24
CA LYS A 6 7.82 20.95 -23.94
C LYS A 6 7.49 19.45 -23.84
N ILE A 7 6.18 19.19 -23.72
CA ILE A 7 5.65 17.84 -23.63
C ILE A 7 5.73 17.20 -25.03
N ARG A 8 6.31 16.00 -25.07
CA ARG A 8 6.51 15.29 -26.32
C ARG A 8 5.42 14.23 -26.46
N ILE A 9 4.61 14.38 -27.51
CA ILE A 9 3.57 13.45 -27.90
C ILE A 9 4.05 12.62 -29.08
N LEU A 10 3.88 11.29 -29.00
CA LEU A 10 3.98 10.44 -30.16
C LEU A 10 2.58 10.05 -30.60
N TRP A 11 2.27 10.34 -31.87
CA TRP A 11 0.96 10.11 -32.42
C TRP A 11 1.07 9.13 -33.58
N VAL A 12 0.46 7.95 -33.42
CA VAL A 12 0.50 6.85 -34.37
C VAL A 12 -0.89 6.74 -35.01
N ASP A 13 -0.91 6.88 -36.33
CA ASP A 13 -2.14 6.81 -37.10
C ASP A 13 -1.71 6.69 -38.57
N ASP A 14 -2.37 5.82 -39.33
CA ASP A 14 -2.04 5.63 -40.73
C ASP A 14 -2.49 6.82 -41.57
N GLU A 15 -3.26 7.76 -40.99
CA GLU A 15 -3.81 8.87 -41.75
C GLU A 15 -3.45 10.18 -41.05
N ILE A 16 -2.15 10.44 -40.95
CA ILE A 16 -1.60 11.60 -40.29
C ILE A 16 -2.08 12.88 -40.95
N ASP A 17 -2.32 12.82 -42.27
CA ASP A 17 -2.74 13.97 -43.05
C ASP A 17 -3.99 14.58 -42.42
N LEU A 18 -4.94 13.71 -42.07
CA LEU A 18 -6.25 14.12 -41.58
C LEU A 18 -6.20 14.72 -40.18
N LEU A 19 -5.11 14.52 -39.44
CA LEU A 19 -4.97 14.98 -38.06
C LEU A 19 -4.18 16.29 -37.99
N LYS A 20 -3.82 16.87 -39.13
CA LYS A 20 -2.92 18.02 -39.12
C LYS A 20 -3.56 19.20 -38.39
N PRO A 21 -4.89 19.50 -38.51
CA PRO A 21 -5.54 20.50 -37.66
C PRO A 21 -5.32 20.32 -36.15
N HIS A 22 -5.52 19.09 -35.64
CA HIS A 22 -5.28 18.78 -34.23
C HIS A 22 -3.82 19.02 -33.86
N ILE A 23 -2.88 18.60 -34.73
CA ILE A 23 -1.47 18.76 -34.42
C ILE A 23 -1.09 20.24 -34.33
N LEU A 24 -1.55 21.04 -35.29
CA LEU A 24 -1.28 22.47 -35.29
C LEU A 24 -1.88 23.13 -34.06
N PHE A 25 -3.07 22.68 -33.68
CA PHE A 25 -3.71 23.20 -32.48
C PHE A 25 -2.86 22.90 -31.25
N LEU A 26 -2.35 21.66 -31.14
CA LEU A 26 -1.56 21.25 -29.99
C LEU A 26 -0.21 21.94 -29.99
N GLU A 27 0.35 22.18 -31.19
CA GLU A 27 1.62 22.86 -31.30
C GLU A 27 1.49 24.32 -30.86
N LYS A 28 0.41 24.99 -31.26
CA LYS A 28 0.13 26.33 -30.76
C LYS A 28 0.02 26.31 -29.24
N LYS A 29 -0.44 25.21 -28.63
CA LYS A 29 -0.60 25.11 -27.19
C LYS A 29 0.66 24.54 -26.54
N ASN A 30 1.75 24.43 -27.32
CA ASN A 30 3.08 24.21 -26.79
C ASN A 30 3.37 22.72 -26.57
N TYR A 31 2.64 21.85 -27.29
CA TYR A 31 3.00 20.45 -27.35
C TYR A 31 3.89 20.22 -28.57
N GLU A 32 4.92 19.37 -28.38
CA GLU A 32 5.71 18.85 -29.47
C GLU A 32 5.15 17.50 -29.90
N VAL A 33 4.66 17.41 -31.15
CA VAL A 33 4.14 16.18 -31.73
C VAL A 33 5.15 15.58 -32.69
N THR A 34 5.53 14.33 -32.44
CA THR A 34 6.18 13.47 -33.40
C THR A 34 5.13 12.49 -33.93
N THR A 35 5.00 12.40 -35.26
CA THR A 35 4.01 11.53 -35.88
C THR A 35 4.69 10.29 -36.42
N SER A 36 3.91 9.22 -36.53
CA SER A 36 4.32 7.98 -37.13
C SER A 36 3.09 7.33 -37.73
N ASN A 37 3.23 6.71 -38.90
CA ASN A 37 2.06 6.25 -39.64
C ASN A 37 1.88 4.74 -39.55
N ASN A 38 2.71 4.06 -38.75
CA ASN A 38 2.50 2.65 -38.52
C ASN A 38 3.09 2.27 -37.17
N GLY A 39 2.52 1.21 -36.57
CA GLY A 39 2.87 0.74 -35.24
C GLY A 39 4.33 0.36 -35.09
N LEU A 40 4.87 -0.33 -36.10
CA LEU A 40 6.23 -0.88 -36.05
C LEU A 40 7.25 0.24 -35.86
N ASP A 41 7.18 1.25 -36.73
CA ASP A 41 8.07 2.38 -36.64
C ASP A 41 7.84 3.13 -35.33
N ALA A 42 6.57 3.34 -34.95
CA ALA A 42 6.23 3.97 -33.69
C ALA A 42 6.93 3.27 -32.50
N ILE A 43 6.94 1.95 -32.49
CA ILE A 43 7.56 1.20 -31.42
C ILE A 43 9.05 1.53 -31.35
N ALA A 44 9.73 1.54 -32.50
CA ALA A 44 11.15 1.82 -32.57
C ALA A 44 11.45 3.23 -32.06
N LEU A 45 10.69 4.22 -32.55
CA LEU A 45 10.78 5.59 -32.08
C LEU A 45 10.63 5.61 -30.55
N PHE A 46 9.61 4.90 -30.04
CA PHE A 46 9.26 4.90 -28.63
C PHE A 46 10.40 4.30 -27.81
N GLU A 47 11.13 3.34 -28.36
CA GLU A 47 12.29 2.78 -27.67
C GLU A 47 13.46 3.75 -27.63
N GLU A 48 13.67 4.52 -28.70
CA GLU A 48 14.87 5.33 -28.87
C GLU A 48 14.75 6.71 -28.22
N GLU A 49 13.53 7.17 -27.96
CA GLU A 49 13.30 8.51 -27.44
C GLU A 49 12.34 8.49 -26.27
N ASN A 50 12.23 9.64 -25.61
CA ASN A 50 11.48 9.73 -24.37
C ASN A 50 10.24 10.58 -24.60
N PHE A 51 9.17 9.92 -25.01
CA PHE A 51 7.88 10.58 -25.14
C PHE A 51 7.19 10.64 -23.77
N ASP A 52 6.42 11.70 -23.57
CA ASP A 52 5.63 11.88 -22.35
C ASP A 52 4.31 11.12 -22.46
N ILE A 53 3.88 10.87 -23.70
CA ILE A 53 2.54 10.34 -23.93
C ILE A 53 2.41 9.90 -25.39
N VAL A 54 1.60 8.87 -25.61
CA VAL A 54 1.38 8.29 -26.93
C VAL A 54 -0.11 8.34 -27.25
N PHE A 55 -0.45 8.82 -28.45
CA PHE A 55 -1.77 8.69 -29.03
C PHE A 55 -1.77 7.59 -30.08
N LEU A 56 -2.74 6.67 -30.04
CA LEU A 56 -2.81 5.49 -30.90
C LEU A 56 -4.15 5.43 -31.61
N ASP A 57 -4.10 5.36 -32.95
CA ASP A 57 -5.23 4.91 -33.75
C ASP A 57 -5.42 3.41 -33.51
N GLU A 58 -6.63 2.88 -33.69
CA GLU A 58 -6.84 1.45 -33.48
C GLU A 58 -6.74 0.67 -34.80
N ASN A 59 -7.52 1.10 -35.80
N ASN A 59 -7.55 1.06 -35.81
CA ASN A 59 -7.63 0.42 -37.07
CA ASN A 59 -7.60 0.33 -37.08
C ASN A 59 -6.49 0.89 -37.97
C ASN A 59 -6.49 0.87 -37.98
N MET A 60 -5.41 0.08 -38.03
CA MET A 60 -4.30 0.33 -38.93
C MET A 60 -3.95 -0.96 -39.67
N PRO A 61 -3.54 -0.88 -40.96
CA PRO A 61 -3.38 -2.07 -41.79
C PRO A 61 -2.35 -3.03 -41.24
N GLY A 62 -1.30 -2.54 -40.59
CA GLY A 62 -0.41 -3.47 -39.93
C GLY A 62 -0.93 -3.86 -38.56
N MET A 63 -0.01 -3.79 -37.59
CA MET A 63 -0.33 -3.85 -36.18
C MET A 63 -1.46 -2.86 -35.86
N SER A 64 -2.43 -3.36 -35.11
CA SER A 64 -3.45 -2.56 -34.48
C SER A 64 -2.86 -1.61 -33.43
N GLY A 65 -3.61 -0.56 -33.09
CA GLY A 65 -3.31 0.30 -31.96
C GLY A 65 -3.03 -0.49 -30.68
N LEU A 66 -3.87 -1.49 -30.43
CA LEU A 66 -3.79 -2.21 -29.16
C LEU A 66 -2.61 -3.15 -29.15
N GLU A 67 -2.25 -3.70 -30.33
CA GLU A 67 -1.03 -4.49 -30.44
C GLU A 67 0.17 -3.59 -30.22
N THR A 68 0.12 -2.39 -30.81
CA THR A 68 1.20 -1.44 -30.63
C THR A 68 1.32 -1.09 -29.15
N LEU A 69 0.20 -0.77 -28.54
CA LEU A 69 0.16 -0.40 -27.13
C LEU A 69 0.81 -1.49 -26.26
N SER A 70 0.45 -2.75 -26.54
CA SER A 70 0.95 -3.87 -25.77
C SER A 70 2.48 -3.93 -25.83
N GLU A 71 3.05 -3.74 -27.03
CA GLU A 71 4.49 -3.74 -27.19
C GLU A 71 5.10 -2.55 -26.43
N MET A 72 4.47 -1.39 -26.55
CA MET A 72 5.05 -0.19 -25.96
C MET A 72 5.02 -0.28 -24.44
N LYS A 73 3.92 -0.77 -23.87
CA LYS A 73 3.78 -0.88 -22.43
C LYS A 73 4.83 -1.82 -21.85
N GLU A 74 5.21 -2.86 -22.59
CA GLU A 74 6.20 -3.79 -22.08
C GLU A 74 7.54 -3.05 -21.95
N LYS A 75 7.86 -2.18 -22.92
CA LYS A 75 9.11 -1.44 -22.89
C LYS A 75 9.10 -0.40 -21.78
N LYS A 76 8.02 0.39 -21.67
CA LYS A 76 7.95 1.53 -20.78
C LYS A 76 6.52 1.68 -20.27
N SER A 77 6.20 0.96 -19.18
CA SER A 77 4.81 0.75 -18.80
C SER A 77 4.23 1.99 -18.10
N ALA A 78 5.08 2.94 -17.73
CA ALA A 78 4.63 4.11 -17.00
C ALA A 78 4.14 5.21 -17.94
N ILE A 79 4.39 5.08 -19.24
CA ILE A 79 4.00 6.14 -20.14
C ILE A 79 2.51 6.00 -20.46
N PRO A 80 1.70 7.05 -20.22
CA PRO A 80 0.29 6.99 -20.57
C PRO A 80 0.07 6.91 -22.09
N MET A 81 -1.01 6.18 -22.42
CA MET A 81 -1.36 5.83 -23.79
C MET A 81 -2.84 6.15 -24.00
N ILE A 82 -3.12 6.94 -25.03
CA ILE A 82 -4.47 7.42 -25.31
C ILE A 82 -4.84 6.88 -26.67
N MET A 83 -6.03 6.29 -26.77
CA MET A 83 -6.52 5.80 -28.03
C MET A 83 -7.42 6.87 -28.65
N ILE A 84 -7.15 7.21 -29.91
CA ILE A 84 -7.97 8.14 -30.66
C ILE A 84 -8.39 7.45 -31.96
N THR A 85 -9.68 7.09 -32.05
CA THR A 85 -10.12 6.11 -33.01
C THR A 85 -11.54 6.43 -33.44
N LYS A 86 -11.90 6.01 -34.65
CA LYS A 86 -13.26 6.14 -35.14
C LYS A 86 -14.11 4.99 -34.62
N SER A 87 -13.48 3.92 -34.08
CA SER A 87 -14.24 2.76 -33.61
C SER A 87 -15.14 3.11 -32.42
N GLU A 88 -16.45 2.85 -32.56
CA GLU A 88 -17.43 3.03 -31.50
C GLU A 88 -17.86 1.69 -30.93
N GLU A 89 -17.31 0.58 -31.43
CA GLU A 89 -17.77 -0.74 -31.01
C GLU A 89 -17.41 -0.97 -29.55
N GLU A 90 -18.36 -1.52 -28.80
CA GLU A 90 -18.18 -1.74 -27.38
C GLU A 90 -17.01 -2.69 -27.11
N TYR A 91 -16.84 -3.74 -27.95
CA TYR A 91 -15.82 -4.74 -27.68
C TYR A 91 -14.45 -4.11 -27.82
N ILE A 92 -14.30 -3.15 -28.72
CA ILE A 92 -13.03 -2.42 -28.83
C ILE A 92 -12.82 -1.56 -27.59
N MET A 93 -13.88 -0.91 -27.12
CA MET A 93 -13.82 -0.09 -25.92
C MET A 93 -13.30 -0.95 -24.77
N GLU A 94 -13.83 -2.17 -24.66
CA GLU A 94 -13.53 -3.02 -23.53
C GLU A 94 -12.09 -3.51 -23.60
N GLU A 95 -11.64 -3.81 -24.82
CA GLU A 95 -10.30 -4.34 -25.00
C GLU A 95 -9.31 -3.25 -24.59
N ALA A 96 -9.58 -2.04 -25.09
CA ALA A 96 -8.72 -0.88 -24.85
C ALA A 96 -8.63 -0.61 -23.34
N ILE A 97 -9.78 -0.55 -22.69
CA ILE A 97 -9.82 -0.32 -21.26
C ILE A 97 -9.03 -1.43 -20.54
N GLY A 98 -9.30 -2.68 -20.93
CA GLY A 98 -8.62 -3.83 -20.34
C GLY A 98 -7.12 -3.83 -20.57
N SER A 99 -6.67 -3.08 -21.59
CA SER A 99 -5.26 -2.95 -21.90
C SER A 99 -4.61 -1.78 -21.17
N LYS A 100 -5.32 -1.15 -20.23
CA LYS A 100 -4.82 -0.05 -19.41
C LYS A 100 -4.56 1.22 -20.24
N ILE A 101 -5.39 1.43 -21.26
CA ILE A 101 -5.45 2.72 -21.93
C ILE A 101 -5.75 3.79 -20.89
N ALA A 102 -5.10 4.96 -21.00
CA ALA A 102 -5.39 6.06 -20.10
C ALA A 102 -6.62 6.85 -20.53
N ASP A 103 -6.91 6.85 -21.84
CA ASP A 103 -8.16 7.45 -22.31
C ASP A 103 -8.49 6.90 -23.69
N TYR A 104 -9.73 7.10 -24.12
CA TYR A 104 -10.19 6.64 -25.42
C TYR A 104 -11.12 7.72 -25.99
N LEU A 105 -10.68 8.39 -27.07
CA LEU A 105 -11.39 9.51 -27.67
C LEU A 105 -11.87 9.08 -29.06
N ILE A 106 -13.17 9.26 -29.29
CA ILE A 106 -13.81 8.81 -30.51
C ILE A 106 -13.80 9.93 -31.55
N LYS A 107 -13.33 9.59 -32.77
CA LYS A 107 -13.29 10.51 -33.89
C LYS A 107 -14.70 10.71 -34.46
N PRO A 108 -15.06 11.91 -34.95
CA PRO A 108 -14.16 13.07 -34.95
C PRO A 108 -14.07 13.71 -33.57
N VAL A 109 -12.87 14.09 -33.17
CA VAL A 109 -12.62 14.58 -31.84
C VAL A 109 -12.53 16.10 -31.89
N ASN A 110 -13.19 16.75 -30.94
CA ASN A 110 -12.93 18.14 -30.66
C ASN A 110 -11.49 18.27 -30.20
N PRO A 111 -10.68 19.19 -30.78
CA PRO A 111 -9.29 19.34 -30.36
C PRO A 111 -9.15 19.70 -28.88
N ASN A 112 -10.14 20.38 -28.31
CA ASN A 112 -10.11 20.70 -26.89
C ASN A 112 -10.31 19.47 -26.01
N GLN A 113 -10.95 18.41 -26.55
CA GLN A 113 -11.11 17.17 -25.84
C GLN A 113 -9.75 16.48 -25.71
N ILE A 114 -8.88 16.65 -26.72
CA ILE A 114 -7.54 16.08 -26.69
C ILE A 114 -6.72 16.85 -25.65
N LEU A 115 -6.92 18.17 -25.62
CA LEU A 115 -6.19 19.02 -24.71
C LEU A 115 -6.55 18.66 -23.27
N LEU A 116 -7.84 18.53 -23.02
CA LEU A 116 -8.32 18.04 -21.74
C LEU A 116 -7.60 16.75 -21.38
N SER A 117 -7.60 15.80 -22.30
CA SER A 117 -7.01 14.49 -22.04
C SER A 117 -5.54 14.63 -21.67
N LEU A 118 -4.82 15.54 -22.35
CA LEU A 118 -3.41 15.75 -22.07
C LEU A 118 -3.21 16.29 -20.66
N LYS A 119 -4.11 17.20 -20.23
CA LYS A 119 -4.03 17.84 -18.92
C LYS A 119 -4.32 16.83 -17.83
N LYS A 120 -5.38 16.04 -18.07
CA LYS A 120 -5.85 15.02 -17.15
C LYS A 120 -4.79 13.95 -16.93
N ASN A 121 -4.07 13.57 -17.99
CA ASN A 121 -3.19 12.43 -17.90
C ASN A 121 -1.78 12.85 -17.55
N LEU A 122 -1.43 14.13 -17.73
CA LEU A 122 -0.06 14.55 -17.45
C LEU A 122 0.05 15.53 -16.29
N ASP A 123 -0.98 16.37 -16.06
CA ASP A 123 -0.87 17.45 -15.10
C ASP A 123 -1.74 17.21 -13.87
N ASP A 124 -2.46 16.08 -13.78
CA ASP A 124 -3.50 15.92 -12.77
C ASP A 124 -2.92 16.01 -11.36
N SER A 125 -1.75 15.41 -11.15
CA SER A 125 -1.10 15.35 -9.86
C SER A 125 -0.83 16.76 -9.32
N ARG A 126 -0.21 17.58 -10.18
CA ARG A 126 0.17 18.94 -9.86
C ARG A 126 -1.09 19.76 -9.60
N LEU A 127 -2.10 19.63 -10.47
CA LEU A 127 -3.27 20.46 -10.39
C LEU A 127 -4.05 20.13 -9.11
N ILE A 128 -4.11 18.84 -8.73
CA ILE A 128 -4.76 18.44 -7.49
C ILE A 128 -4.03 19.03 -6.29
N THR A 129 -2.70 18.98 -6.29
CA THR A 129 -1.91 19.54 -5.19
C THR A 129 -2.16 21.04 -5.04
N GLU A 130 -2.08 21.77 -6.17
CA GLU A 130 -2.34 23.19 -6.20
C GLU A 130 -3.75 23.50 -5.70
N LYS A 131 -4.74 22.82 -6.25
CA LYS A 131 -6.13 23.10 -5.93
C LYS A 131 -6.41 22.76 -4.47
N THR A 132 -6.00 21.59 -4.00
CA THR A 132 -6.10 21.25 -2.60
C THR A 132 -5.47 22.33 -1.72
N THR A 133 -4.29 22.82 -2.13
CA THR A 133 -3.52 23.76 -1.33
C THR A 133 -4.27 25.09 -1.21
N LEU A 134 -4.75 25.61 -2.35
CA LEU A 134 -5.50 26.84 -2.36
C LEU A 134 -6.81 26.69 -1.59
N ASP A 135 -7.50 25.58 -1.84
CA ASP A 135 -8.80 25.39 -1.21
C ASP A 135 -8.60 25.36 0.31
N TYR A 136 -7.55 24.69 0.82
CA TYR A 136 -7.35 24.57 2.25
C TYR A 136 -6.93 25.91 2.84
N GLN A 137 -6.14 26.69 2.08
CA GLN A 137 -5.81 28.05 2.48
C GLN A 137 -7.07 28.89 2.73
N LYS A 138 -8.08 28.74 1.89
CA LYS A 138 -9.33 29.49 1.99
C LYS A 138 -10.28 28.87 3.01
N GLU A 139 -10.04 27.63 3.46
CA GLU A 139 -11.01 26.90 4.26
C GLU A 139 -10.63 26.83 5.73
N PHE A 140 -9.33 26.89 6.04
CA PHE A 140 -8.87 26.44 7.35
C PHE A 140 -9.43 27.35 8.45
N ARG A 141 -9.55 28.65 8.15
CA ARG A 141 -10.10 29.60 9.11
C ARG A 141 -11.55 29.23 9.44
N LYS A 142 -12.34 28.89 8.43
CA LYS A 142 -13.73 28.49 8.66
C LYS A 142 -13.78 27.21 9.48
N ILE A 143 -12.80 26.31 9.31
CA ILE A 143 -12.79 25.08 10.08
C ILE A 143 -12.50 25.42 11.54
N SER A 144 -11.53 26.30 11.82
CA SER A 144 -11.18 26.68 13.17
C SER A 144 -12.36 27.29 13.89
N MET A 145 -13.14 28.08 13.17
CA MET A 145 -14.27 28.71 13.81
C MET A 145 -15.42 27.71 14.02
N GLU A 146 -15.67 26.82 13.05
CA GLU A 146 -16.68 25.79 13.22
C GLU A 146 -16.37 24.93 14.45
N LEU A 147 -15.11 24.58 14.63
CA LEU A 147 -14.61 23.84 15.78
C LEU A 147 -15.02 24.51 17.09
N ALA A 148 -14.85 25.83 17.16
CA ALA A 148 -15.16 26.60 18.35
C ALA A 148 -16.66 26.57 18.70
N MET A 149 -17.50 26.50 17.66
CA MET A 149 -18.95 26.55 17.79
C MET A 149 -19.57 25.17 18.03
N VAL A 150 -18.77 24.10 18.00
CA VAL A 150 -19.32 22.75 18.10
C VAL A 150 -19.96 22.55 19.48
N ASN A 151 -21.24 22.16 19.49
CA ASN A 151 -21.96 22.11 20.75
C ASN A 151 -22.65 20.76 20.98
N SER A 152 -22.65 19.83 20.03
CA SER A 152 -23.43 18.61 20.18
C SER A 152 -22.68 17.41 19.61
N TYR A 153 -23.07 16.18 19.98
CA TYR A 153 -22.40 15.01 19.45
C TYR A 153 -22.49 15.01 17.92
N GLU A 154 -23.60 15.51 17.34
CA GLU A 154 -23.81 15.43 15.89
C GLU A 154 -22.89 16.42 15.16
N ASP A 155 -22.67 17.59 15.78
CA ASP A 155 -21.72 18.57 15.27
C ASP A 155 -20.31 17.99 15.32
N TRP A 156 -20.01 17.21 16.38
CA TRP A 156 -18.70 16.58 16.47
C TRP A 156 -18.51 15.60 15.31
N VAL A 157 -19.55 14.86 14.97
CA VAL A 157 -19.48 13.92 13.87
C VAL A 157 -19.22 14.70 12.59
N GLU A 158 -19.92 15.82 12.39
CA GLU A 158 -19.79 16.55 11.15
C GLU A 158 -18.39 17.16 11.06
N LEU A 159 -17.88 17.68 12.18
CA LEU A 159 -16.59 18.33 12.15
C LEU A 159 -15.49 17.32 11.87
N TYR A 160 -15.55 16.17 12.55
CA TYR A 160 -14.62 15.07 12.34
C TYR A 160 -14.62 14.68 10.86
N LYS A 161 -15.79 14.51 10.25
CA LYS A 161 -15.90 14.23 8.83
C LYS A 161 -15.16 15.27 7.99
N LYS A 162 -15.23 16.54 8.38
CA LYS A 162 -14.52 17.59 7.67
C LYS A 162 -13.00 17.42 7.80
N LEU A 163 -12.51 17.18 9.02
CA LEU A 163 -11.09 16.98 9.26
C LEU A 163 -10.61 15.76 8.47
N LEU A 164 -11.37 14.67 8.48
CA LEU A 164 -10.97 13.48 7.75
C LEU A 164 -10.82 13.83 6.27
N PHE A 165 -11.78 14.56 5.73
CA PHE A 165 -11.77 14.90 4.32
C PHE A 165 -10.49 15.68 3.99
N TRP A 166 -10.17 16.70 4.79
CA TRP A 166 -8.99 17.50 4.50
C TRP A 166 -7.69 16.72 4.77
N GLU A 167 -7.69 15.85 5.80
CA GLU A 167 -6.52 15.05 6.14
CA GLU A 167 -6.49 15.11 6.12
C GLU A 167 -6.11 14.23 4.93
N LEU A 168 -7.07 13.55 4.32
CA LEU A 168 -6.75 12.67 3.21
C LEU A 168 -6.30 13.49 1.99
N LYS A 169 -6.82 14.70 1.81
CA LYS A 169 -6.43 15.52 0.68
C LYS A 169 -5.04 16.10 0.89
N LEU A 170 -4.71 16.49 2.14
CA LEU A 170 -3.45 17.16 2.40
C LEU A 170 -2.30 16.16 2.62
N GLU A 171 -2.60 14.86 2.56
CA GLU A 171 -1.62 13.82 2.81
C GLU A 171 -0.31 14.09 2.05
N ASP A 172 -0.49 14.36 0.75
CA ASP A 172 0.57 14.26 -0.25
C ASP A 172 1.00 15.65 -0.74
N ILE A 173 0.41 16.76 -0.25
CA ILE A 173 0.92 18.07 -0.61
C ILE A 173 2.27 18.19 0.09
N ASN A 174 3.03 19.23 -0.24
CA ASN A 174 4.40 19.41 0.24
C ASN A 174 4.47 20.54 1.25
N ASP A 175 3.58 21.54 1.15
CA ASP A 175 3.58 22.69 2.03
C ASP A 175 3.48 22.22 3.48
N GLN A 176 4.48 22.56 4.30
CA GLN A 176 4.55 22.06 5.66
C GLN A 176 3.75 22.99 6.56
N ALA A 177 3.69 24.26 6.21
CA ALA A 177 2.87 25.21 6.92
C ALA A 177 1.40 24.75 6.97
N MET A 178 0.82 24.42 5.80
CA MET A 178 -0.57 24.01 5.72
C MET A 178 -0.75 22.68 6.48
N ILE A 179 0.23 21.79 6.39
CA ILE A 179 0.16 20.52 7.08
C ILE A 179 0.18 20.75 8.58
N GLU A 180 0.99 21.71 9.06
CA GLU A 180 1.06 21.96 10.49
C GLU A 180 -0.22 22.63 10.98
N ILE A 181 -0.82 23.49 10.14
CA ILE A 181 -2.09 24.10 10.50
C ILE A 181 -3.11 22.98 10.76
N LEU A 182 -3.15 21.95 9.92
CA LEU A 182 -4.14 20.91 10.06
C LEU A 182 -3.86 20.10 11.32
N GLU A 183 -2.58 19.78 11.54
CA GLU A 183 -2.17 19.07 12.74
C GLU A 183 -2.68 19.83 13.97
N SER A 184 -2.61 21.17 13.91
CA SER A 184 -2.99 21.97 15.05
C SER A 184 -4.52 21.99 15.22
N GLN A 185 -5.27 21.93 14.10
CA GLN A 185 -6.72 21.83 14.18
C GLN A 185 -7.12 20.50 14.82
N LYS A 186 -6.43 19.40 14.46
CA LYS A 186 -6.71 18.09 15.02
C LYS A 186 -6.48 18.08 16.52
N VAL A 187 -5.43 18.76 16.98
CA VAL A 187 -5.12 18.81 18.39
C VAL A 187 -6.21 19.56 19.14
N GLU A 188 -6.62 20.70 18.57
CA GLU A 188 -7.65 21.53 19.17
C GLU A 188 -8.98 20.79 19.13
N ALA A 189 -9.28 20.08 18.04
CA ALA A 189 -10.51 19.29 17.97
C ALA A 189 -10.53 18.24 19.10
N ASN A 190 -9.43 17.53 19.30
CA ASN A 190 -9.39 16.51 20.33
C ASN A 190 -9.43 17.09 21.74
N SER A 191 -8.83 18.28 21.95
CA SER A 191 -8.91 18.99 23.21
C SER A 191 -10.38 19.34 23.53
N GLN A 192 -11.09 19.92 22.55
CA GLN A 192 -12.47 20.31 22.76
C GLN A 192 -13.37 19.08 22.90
N PHE A 193 -13.13 18.07 22.05
CA PHE A 193 -13.93 16.86 22.15
C PHE A 193 -13.73 16.22 23.51
N GLY A 194 -12.49 16.16 23.99
CA GLY A 194 -12.24 15.64 25.32
C GLY A 194 -13.10 16.33 26.39
N LYS A 195 -13.18 17.66 26.33
CA LYS A 195 -13.93 18.40 27.33
C LYS A 195 -15.41 18.08 27.16
N TYR A 196 -15.87 18.02 25.90
CA TYR A 196 -17.26 17.71 25.60
C TYR A 196 -17.65 16.37 26.24
N ILE A 197 -16.81 15.34 26.03
CA ILE A 197 -17.14 14.01 26.53
C ILE A 197 -17.15 14.06 28.05
N GLU A 198 -16.10 14.64 28.64
CA GLU A 198 -15.99 14.83 30.08
C GLU A 198 -17.27 15.46 30.64
N ARG A 199 -17.84 16.46 29.97
CA ARG A 199 -18.98 17.18 30.48
C ARG A 199 -20.30 16.41 30.29
N ASN A 200 -20.40 15.57 29.26
CA ASN A 200 -21.69 15.07 28.81
C ASN A 200 -21.83 13.56 28.92
N TYR A 201 -20.74 12.82 29.07
CA TYR A 201 -20.81 11.37 28.91
C TYR A 201 -21.76 10.76 29.96
N GLU A 202 -21.63 11.16 31.24
CA GLU A 202 -22.45 10.59 32.31
CA GLU A 202 -22.45 10.60 32.32
C GLU A 202 -23.94 10.79 32.03
N ASP A 203 -24.32 11.95 31.53
CA ASP A 203 -25.73 12.21 31.25
C ASP A 203 -26.30 11.31 30.17
N TRP A 204 -25.43 10.70 29.35
CA TRP A 204 -25.94 9.84 28.29
C TRP A 204 -26.56 8.59 28.90
N PHE A 205 -26.20 8.23 30.14
CA PHE A 205 -26.73 7.03 30.79
C PHE A 205 -28.02 7.28 31.54
N ALA A 206 -28.44 8.54 31.69
CA ALA A 206 -29.73 8.84 32.29
C ALA A 206 -30.84 8.29 31.38
N PRO A 207 -31.99 7.90 31.96
CA PRO A 207 -33.12 7.43 31.16
C PRO A 207 -33.64 8.53 30.23
N LYS A 208 -33.92 8.13 28.99
CA LYS A 208 -34.51 8.97 27.96
C LYS A 208 -33.51 10.02 27.45
N ALA A 209 -32.22 9.87 27.78
CA ALA A 209 -31.22 10.83 27.35
C ALA A 209 -31.08 10.82 25.82
N ASP A 210 -30.86 12.00 25.26
CA ASP A 210 -30.23 12.16 23.96
C ASP A 210 -28.80 11.64 24.02
N LYS A 211 -28.50 10.67 23.15
CA LYS A 211 -27.17 10.09 23.05
C LYS A 211 -26.99 9.48 21.65
N PRO A 212 -25.74 9.39 21.16
CA PRO A 212 -25.46 8.67 19.92
C PRO A 212 -25.70 7.19 20.14
N ILE A 213 -25.81 6.43 19.04
CA ILE A 213 -25.71 4.99 19.11
C ILE A 213 -24.34 4.58 19.67
N GLN A 214 -24.31 3.64 20.63
CA GLN A 214 -23.09 3.20 21.24
C GLN A 214 -22.92 1.69 21.13
N SER A 215 -21.79 1.20 21.62
CA SER A 215 -21.36 -0.18 21.48
C SER A 215 -22.47 -1.16 21.80
N HIS A 216 -23.09 -0.94 22.97
CA HIS A 216 -24.05 -1.85 23.55
C HIS A 216 -25.40 -1.75 22.85
N ASN A 217 -25.59 -0.71 22.04
CA ASN A 217 -26.81 -0.53 21.29
C ASN A 217 -26.65 -1.03 19.87
N LEU A 218 -25.40 -1.25 19.42
CA LEU A 218 -25.09 -1.32 18.01
C LEU A 218 -25.87 -2.44 17.31
N PHE A 219 -25.83 -3.63 17.91
CA PHE A 219 -26.38 -4.80 17.26
C PHE A 219 -27.89 -4.62 17.08
N LYS A 220 -28.56 -4.21 18.15
CA LYS A 220 -30.01 -4.13 18.16
C LYS A 220 -30.50 -3.01 17.25
N GLU A 221 -29.80 -1.87 17.20
CA GLU A 221 -30.35 -0.72 16.51
C GLU A 221 -30.01 -0.77 15.03
N LEU A 222 -28.83 -1.33 14.67
CA LEU A 222 -28.35 -1.22 13.31
C LEU A 222 -28.21 -2.58 12.61
N VAL A 223 -27.96 -3.66 13.34
CA VAL A 223 -27.73 -4.94 12.71
C VAL A 223 -29.05 -5.69 12.57
N VAL A 224 -29.85 -5.74 13.65
CA VAL A 224 -31.11 -6.46 13.65
C VAL A 224 -32.05 -5.98 12.55
N PRO A 225 -32.28 -4.69 12.29
CA PRO A 225 -33.06 -4.29 11.13
C PRO A 225 -32.62 -4.93 9.82
N GLU A 226 -31.31 -5.17 9.64
CA GLU A 226 -30.81 -5.71 8.39
C GLU A 226 -31.11 -7.21 8.34
N ILE A 227 -30.95 -7.88 9.49
CA ILE A 227 -31.37 -9.26 9.63
C ILE A 227 -32.87 -9.42 9.32
N LYS A 228 -33.72 -8.49 9.80
CA LYS A 228 -35.17 -8.63 9.70
C LYS A 228 -35.67 -8.35 8.29
N LYS A 229 -34.86 -7.71 7.43
CA LYS A 229 -35.26 -7.54 6.04
C LYS A 229 -35.38 -8.90 5.35
N LYS A 230 -34.69 -9.90 5.90
CA LYS A 230 -34.76 -11.29 5.44
C LYS A 230 -34.46 -11.40 3.94
N ASP A 231 -33.66 -10.46 3.38
CA ASP A 231 -33.44 -10.35 1.94
C ASP A 231 -32.23 -11.21 1.50
N LYS A 232 -31.11 -11.10 2.21
CA LYS A 232 -29.87 -11.78 1.90
C LYS A 232 -29.28 -12.29 3.21
N PRO A 233 -28.42 -13.34 3.20
CA PRO A 233 -27.66 -13.68 4.41
C PRO A 233 -26.65 -12.55 4.70
N ILE A 234 -26.21 -12.47 5.95
CA ILE A 234 -25.38 -11.35 6.36
C ILE A 234 -24.01 -11.87 6.81
N LEU A 235 -22.97 -11.26 6.23
CA LEU A 235 -21.63 -11.30 6.79
C LEU A 235 -21.43 -10.04 7.63
N PHE A 236 -21.29 -10.22 8.95
CA PHE A 236 -21.05 -9.13 9.87
C PHE A 236 -19.58 -9.16 10.30
N VAL A 237 -18.79 -8.20 9.85
CA VAL A 237 -17.36 -8.15 10.16
C VAL A 237 -17.10 -7.01 11.15
N VAL A 238 -16.45 -7.37 12.25
CA VAL A 238 -15.86 -6.39 13.14
C VAL A 238 -14.34 -6.49 13.00
N ILE A 239 -13.72 -5.51 12.31
CA ILE A 239 -12.29 -5.30 12.34
C ILE A 239 -11.92 -4.64 13.66
N ASP A 240 -11.10 -5.34 14.42
CA ASP A 240 -10.61 -4.86 15.70
C ASP A 240 -9.79 -3.59 15.47
N ASN A 241 -10.11 -2.55 16.24
CA ASN A 241 -9.29 -1.37 16.39
C ASN A 241 -9.18 -0.53 15.13
N LEU A 242 -10.19 -0.49 14.25
CA LEU A 242 -10.10 0.29 13.01
C LEU A 242 -10.58 1.73 13.20
N ARG A 243 -9.81 2.71 12.74
CA ARG A 243 -10.16 4.14 12.74
C ARG A 243 -11.00 4.46 11.51
N TYR A 244 -11.69 5.59 11.56
CA TYR A 244 -12.42 6.13 10.42
C TYR A 244 -11.50 6.29 9.20
N ASP A 245 -10.27 6.81 9.36
CA ASP A 245 -9.40 7.09 8.22
C ASP A 245 -8.85 5.80 7.61
N GLN A 246 -8.75 4.75 8.40
CA GLN A 246 -8.39 3.44 7.88
C GLN A 246 -9.48 2.90 6.97
N TRP A 247 -10.75 3.00 7.37
CA TRP A 247 -11.88 2.70 6.51
C TRP A 247 -11.75 3.53 5.22
N LYS A 248 -11.48 4.83 5.35
CA LYS A 248 -11.40 5.66 4.17
C LYS A 248 -10.28 5.17 3.23
N SER A 249 -9.20 4.62 3.79
CA SER A 249 -8.05 4.23 3.00
C SER A 249 -8.36 3.05 2.08
N PHE A 250 -9.32 2.18 2.42
CA PHE A 250 -9.60 1.03 1.57
C PHE A 250 -11.06 1.02 1.07
N GLU A 251 -11.79 2.12 1.27
CA GLU A 251 -13.12 2.29 0.70
C GLU A 251 -13.14 1.95 -0.79
N THR A 252 -12.14 2.43 -1.52
CA THR A 252 -12.09 2.31 -2.97
C THR A 252 -11.85 0.86 -3.40
N VAL A 253 -11.15 0.09 -2.59
CA VAL A 253 -10.87 -1.30 -2.90
C VAL A 253 -12.14 -2.12 -2.74
N ILE A 254 -12.82 -1.93 -1.61
CA ILE A 254 -13.97 -2.75 -1.31
C ILE A 254 -15.06 -2.50 -2.34
N SER A 255 -15.07 -1.29 -2.96
CA SER A 255 -16.11 -0.94 -3.92
C SER A 255 -16.04 -1.78 -5.18
N ASN A 256 -14.97 -2.54 -5.37
CA ASN A 256 -14.89 -3.43 -6.52
C ASN A 256 -15.81 -4.63 -6.31
N TYR A 257 -16.17 -4.92 -5.06
CA TYR A 257 -16.94 -6.10 -4.71
C TYR A 257 -18.31 -5.74 -4.15
N TYR A 258 -18.42 -4.60 -3.46
CA TYR A 258 -19.55 -4.27 -2.61
C TYR A 258 -19.95 -2.82 -2.79
N LYS A 259 -21.26 -2.57 -2.92
CA LYS A 259 -21.77 -1.22 -3.04
C LYS A 259 -22.32 -0.76 -1.69
N LEU A 260 -21.77 0.34 -1.18
CA LEU A 260 -22.21 0.95 0.07
C LEU A 260 -23.65 1.47 -0.05
N GLU A 261 -24.52 0.99 0.86
CA GLU A 261 -25.93 1.36 0.97
C GLU A 261 -26.12 2.31 2.16
N LYS A 262 -25.40 2.07 3.28
CA LYS A 262 -25.61 2.85 4.48
C LYS A 262 -24.32 3.02 5.28
N GLU A 263 -24.10 4.24 5.78
CA GLU A 263 -22.95 4.60 6.58
C GLU A 263 -23.44 5.39 7.78
N VAL A 264 -23.26 4.85 8.98
CA VAL A 264 -23.70 5.46 10.22
C VAL A 264 -22.50 5.52 11.16
N PRO A 265 -21.97 6.74 11.42
CA PRO A 265 -20.98 6.94 12.46
C PRO A 265 -21.59 6.67 13.83
N TYR A 266 -20.91 5.92 14.70
CA TYR A 266 -21.41 5.67 16.05
C TYR A 266 -20.26 5.83 17.02
N PHE A 267 -20.57 5.78 18.32
CA PHE A 267 -19.63 6.13 19.37
C PHE A 267 -19.32 4.90 20.18
N SER A 268 -18.05 4.53 20.25
CA SER A 268 -17.62 3.53 21.19
C SER A 268 -17.91 4.02 22.60
N ILE A 269 -18.28 3.10 23.48
CA ILE A 269 -18.27 3.40 24.91
C ILE A 269 -16.85 3.56 25.39
N LEU A 270 -16.73 4.08 26.62
CA LEU A 270 -15.48 4.14 27.34
C LEU A 270 -15.36 2.93 28.28
N PRO A 271 -14.16 2.37 28.52
CA PRO A 271 -12.96 2.70 27.74
C PRO A 271 -13.07 2.23 26.29
N THR A 272 -12.38 2.94 25.39
CA THR A 272 -12.34 2.61 23.96
C THR A 272 -11.37 1.45 23.74
N ALA A 273 -11.79 0.27 24.20
CA ALA A 273 -10.94 -0.90 24.32
C ALA A 273 -11.77 -2.17 24.17
N THR A 274 -11.15 -3.17 23.51
CA THR A 274 -11.77 -4.41 23.09
C THR A 274 -12.57 -5.13 24.20
N GLN A 275 -11.95 -5.31 25.37
CA GLN A 275 -12.58 -5.98 26.51
C GLN A 275 -13.95 -5.37 26.88
N TYR A 276 -14.07 -4.05 26.72
CA TYR A 276 -15.32 -3.39 27.07
C TYR A 276 -16.21 -3.23 25.84
N ALA A 277 -15.72 -2.47 24.83
CA ALA A 277 -16.55 -2.05 23.71
C ALA A 277 -16.91 -3.24 22.82
N ARG A 278 -15.98 -4.17 22.61
CA ARG A 278 -16.28 -5.22 21.63
C ARG A 278 -17.26 -6.23 22.23
N ASN A 279 -17.04 -6.62 23.51
CA ASN A 279 -17.94 -7.47 24.24
C ASN A 279 -19.33 -6.85 24.28
N ALA A 280 -19.41 -5.53 24.52
CA ALA A 280 -20.66 -4.80 24.49
C ALA A 280 -21.38 -4.96 23.15
N ILE A 281 -20.67 -4.93 22.02
CA ILE A 281 -21.31 -5.10 20.73
C ILE A 281 -22.05 -6.41 20.71
N PHE A 282 -21.37 -7.47 21.18
CA PHE A 282 -21.89 -8.82 21.01
C PHE A 282 -22.90 -9.17 22.10
N SER A 283 -22.72 -8.63 23.31
CA SER A 283 -23.63 -8.89 24.43
C SER A 283 -24.91 -8.08 24.31
N GLY A 284 -24.78 -6.84 23.81
CA GLY A 284 -25.88 -5.89 23.81
C GLY A 284 -26.08 -5.25 25.19
N LEU A 285 -25.06 -5.31 26.05
CA LEU A 285 -25.11 -4.86 27.44
C LEU A 285 -23.85 -4.08 27.77
N MET A 286 -23.96 -3.08 28.64
CA MET A 286 -22.80 -2.42 29.20
C MET A 286 -22.04 -3.44 30.06
N PRO A 287 -20.71 -3.26 30.21
CA PRO A 287 -19.92 -4.15 31.05
C PRO A 287 -20.48 -4.47 32.44
N LEU A 288 -21.05 -3.49 33.12
CA LEU A 288 -21.63 -3.74 34.43
C LEU A 288 -22.73 -4.81 34.32
N ASP A 289 -23.59 -4.67 33.30
CA ASP A 289 -24.67 -5.60 33.08
C ASP A 289 -24.15 -6.96 32.64
N MET A 290 -22.99 -7.00 31.96
CA MET A 290 -22.39 -8.26 31.57
C MET A 290 -21.90 -8.96 32.85
N GLU A 291 -21.35 -8.19 33.79
CA GLU A 291 -20.89 -8.76 35.05
C GLU A 291 -22.05 -9.35 35.85
N LYS A 292 -23.21 -8.67 35.87
CA LYS A 292 -24.38 -9.16 36.60
C LYS A 292 -25.03 -10.34 35.89
N GLN A 293 -25.38 -10.18 34.60
CA GLN A 293 -26.15 -11.18 33.89
C GLN A 293 -25.27 -12.37 33.45
N PHE A 294 -23.96 -12.18 33.26
CA PHE A 294 -23.14 -13.29 32.77
C PHE A 294 -21.81 -13.31 33.52
N PRO A 295 -21.81 -13.56 34.84
CA PRO A 295 -20.55 -13.60 35.60
C PRO A 295 -19.56 -14.70 35.17
N GLN A 296 -20.09 -15.74 34.51
CA GLN A 296 -19.28 -16.83 34.01
C GLN A 296 -18.46 -16.42 32.77
N TYR A 297 -18.87 -15.34 32.07
CA TYR A 297 -18.15 -14.88 30.89
C TYR A 297 -17.40 -13.56 31.16
N TRP A 298 -18.01 -12.61 31.84
CA TRP A 298 -17.36 -11.33 32.12
C TRP A 298 -16.07 -11.55 32.92
N LYS A 299 -15.00 -10.90 32.48
CA LYS A 299 -13.75 -10.84 33.23
C LYS A 299 -13.38 -9.37 33.44
N ASN A 300 -13.04 -9.02 34.68
CA ASN A 300 -12.47 -7.72 35.00
C ASN A 300 -10.99 -7.72 34.67
N ASP A 301 -10.37 -6.52 34.67
CA ASP A 301 -8.96 -6.34 34.32
C ASP A 301 -8.03 -7.21 35.17
N VAL A 302 -8.36 -7.39 36.46
CA VAL A 302 -7.56 -8.13 37.42
C VAL A 302 -7.44 -9.62 37.04
N GLU A 303 -8.48 -10.20 36.43
CA GLU A 303 -8.51 -11.63 36.14
C GLU A 303 -7.50 -11.96 35.05
N ASP A 304 -6.92 -13.17 35.14
CA ASP A 304 -5.95 -13.65 34.15
C ASP A 304 -6.66 -14.09 32.89
N GLY A 305 -5.96 -14.03 31.75
CA GLY A 305 -6.37 -14.70 30.52
C GLY A 305 -7.10 -13.78 29.55
N GLY A 306 -7.47 -14.35 28.41
CA GLY A 306 -8.14 -13.63 27.33
C GLY A 306 -9.39 -12.90 27.82
N LYS A 307 -9.58 -11.70 27.26
CA LYS A 307 -10.65 -10.82 27.71
C LYS A 307 -11.82 -10.84 26.74
N ASN A 308 -11.71 -11.61 25.63
CA ASN A 308 -12.79 -11.65 24.65
C ASN A 308 -13.00 -13.09 24.18
N LEU A 309 -13.07 -14.02 25.14
CA LEU A 309 -13.15 -15.44 24.82
C LEU A 309 -14.59 -15.89 24.54
N TYR A 310 -15.57 -15.07 24.91
CA TYR A 310 -16.94 -15.52 25.05
C TYR A 310 -17.91 -14.66 24.24
N GLU A 311 -17.40 -14.05 23.16
CA GLU A 311 -18.20 -13.21 22.30
C GLU A 311 -19.28 -14.01 21.57
N ALA A 312 -18.98 -15.24 21.13
CA ALA A 312 -19.99 -16.08 20.45
C ALA A 312 -21.17 -16.38 21.38
N GLU A 313 -20.84 -16.69 22.63
CA GLU A 313 -21.79 -16.98 23.68
C GLU A 313 -22.61 -15.73 23.98
N PHE A 314 -21.93 -14.58 24.09
CA PHE A 314 -22.64 -13.32 24.29
C PHE A 314 -23.60 -13.07 23.13
N LEU A 315 -23.13 -13.31 21.88
CA LEU A 315 -23.93 -12.91 20.72
C LEU A 315 -25.15 -13.84 20.58
N SER A 316 -24.93 -15.14 20.82
CA SER A 316 -26.01 -16.12 20.77
C SER A 316 -27.07 -15.80 21.82
N ALA A 317 -26.68 -15.44 23.04
CA ALA A 317 -27.63 -15.02 24.05
C ALA A 317 -28.39 -13.77 23.64
N GLN A 318 -27.70 -12.79 23.03
CA GLN A 318 -28.35 -11.54 22.62
C GLN A 318 -29.40 -11.85 21.57
N ILE A 319 -29.04 -12.72 20.63
CA ILE A 319 -29.92 -13.06 19.51
C ILE A 319 -31.17 -13.76 20.06
N LYS A 320 -31.01 -14.61 21.08
CA LYS A 320 -32.14 -15.25 21.72
C LYS A 320 -33.01 -14.22 22.44
N ARG A 321 -32.42 -13.32 23.26
CA ARG A 321 -33.20 -12.32 23.96
C ARG A 321 -34.03 -11.51 22.96
N LEU A 322 -33.48 -11.25 21.77
CA LEU A 322 -34.18 -10.36 20.84
C LEU A 322 -35.20 -11.16 20.03
N GLY A 323 -35.30 -12.46 20.33
CA GLY A 323 -36.34 -13.33 19.78
C GLY A 323 -36.13 -13.62 18.29
N LEU A 324 -34.87 -13.73 17.89
CA LEU A 324 -34.53 -14.06 16.52
C LEU A 324 -34.30 -15.56 16.46
N ASN A 325 -34.76 -16.17 15.36
CA ASN A 325 -34.54 -17.57 15.12
C ASN A 325 -33.81 -17.69 13.80
N ILE A 326 -32.46 -17.78 13.88
CA ILE A 326 -31.62 -17.70 12.71
C ILE A 326 -30.47 -18.68 12.85
N LYS A 327 -29.93 -19.09 11.69
CA LYS A 327 -28.72 -19.87 11.63
C LYS A 327 -27.55 -18.90 11.62
N GLU A 328 -26.65 -19.07 12.60
CA GLU A 328 -25.74 -18.02 12.98
C GLU A 328 -24.45 -18.65 13.50
N ASP A 329 -23.30 -18.16 13.01
CA ASP A 329 -22.00 -18.59 13.52
C ASP A 329 -21.05 -17.41 13.70
N TYR A 330 -20.09 -17.61 14.62
CA TYR A 330 -19.11 -16.61 15.01
C TYR A 330 -17.71 -17.17 14.77
N PHE A 331 -16.83 -16.33 14.20
CA PHE A 331 -15.43 -16.66 14.00
C PHE A 331 -14.58 -15.53 14.51
N LYS A 332 -13.51 -15.87 15.24
CA LYS A 332 -12.49 -14.90 15.62
C LYS A 332 -11.16 -15.24 14.97
N ILE A 333 -10.73 -14.41 14.01
CA ILE A 333 -9.45 -14.55 13.34
C ILE A 333 -8.38 -13.71 14.07
N THR A 334 -7.35 -14.38 14.57
CA THR A 334 -6.26 -13.72 15.27
C THR A 334 -4.95 -13.84 14.50
N ASN A 335 -4.95 -14.57 13.37
CA ASN A 335 -3.75 -14.77 12.56
C ASN A 335 -4.11 -15.08 11.12
N TYR A 336 -3.07 -15.06 10.28
CA TYR A 336 -3.19 -15.27 8.85
C TYR A 336 -3.76 -16.66 8.56
N ALA A 337 -3.20 -17.66 9.24
CA ALA A 337 -3.56 -19.06 9.05
C ALA A 337 -5.06 -19.24 9.27
N GLY A 338 -5.54 -18.75 10.42
CA GLY A 338 -6.97 -18.74 10.73
C GLY A 338 -7.80 -18.09 9.63
N GLY A 339 -7.33 -16.94 9.14
CA GLY A 339 -8.02 -16.18 8.13
C GLY A 339 -8.10 -16.96 6.83
N LYS A 340 -6.98 -17.57 6.45
CA LYS A 340 -6.93 -18.29 5.18
C LYS A 340 -7.89 -19.47 5.24
N LYS A 341 -7.86 -20.23 6.35
CA LYS A 341 -8.76 -21.36 6.56
C LYS A 341 -10.22 -20.94 6.38
N LEU A 342 -10.61 -19.81 6.97
CA LEU A 342 -12.01 -19.39 6.85
C LEU A 342 -12.34 -18.94 5.41
N ALA A 343 -11.43 -18.23 4.73
CA ALA A 343 -11.67 -17.84 3.34
C ALA A 343 -11.84 -19.07 2.45
N GLU A 344 -10.97 -20.05 2.67
CA GLU A 344 -10.95 -21.25 1.85
C GLU A 344 -12.17 -22.13 2.14
N ASN A 345 -12.80 -21.98 3.31
CA ASN A 345 -13.88 -22.86 3.68
C ASN A 345 -15.19 -22.10 3.81
N PHE A 346 -15.27 -20.87 3.28
CA PHE A 346 -16.39 -19.97 3.58
C PHE A 346 -17.70 -20.56 3.04
N LYS A 347 -17.64 -21.31 1.93
CA LYS A 347 -18.83 -21.82 1.27
C LYS A 347 -19.58 -22.78 2.19
N ALA A 348 -18.93 -23.34 3.20
CA ALA A 348 -19.64 -24.16 4.19
C ALA A 348 -20.74 -23.39 4.92
N LEU A 349 -20.70 -22.04 4.87
CA LEU A 349 -21.61 -21.19 5.60
C LEU A 349 -22.69 -20.64 4.68
N LYS A 350 -22.80 -21.18 3.46
CA LYS A 350 -23.76 -20.73 2.47
C LYS A 350 -25.18 -20.74 3.05
N GLY A 351 -25.44 -21.66 4.00
CA GLY A 351 -26.78 -21.83 4.56
C GLY A 351 -27.11 -20.93 5.75
N ASN A 352 -26.14 -20.11 6.22
CA ASN A 352 -26.34 -19.28 7.41
C ASN A 352 -27.19 -18.06 7.07
N ASP A 353 -27.93 -17.58 8.09
CA ASP A 353 -28.51 -16.23 8.05
C ASP A 353 -27.45 -15.21 8.42
N LEU A 354 -26.54 -15.58 9.34
CA LEU A 354 -25.56 -14.65 9.86
C LEU A 354 -24.22 -15.35 10.03
N VAL A 355 -23.17 -14.73 9.47
CA VAL A 355 -21.79 -15.06 9.78
C VAL A 355 -21.16 -13.82 10.39
N THR A 356 -20.73 -13.96 11.63
CA THR A 356 -20.05 -12.91 12.37
C THR A 356 -18.57 -13.24 12.43
N VAL A 357 -17.74 -12.32 11.92
CA VAL A 357 -16.30 -12.47 11.88
C VAL A 357 -15.67 -11.27 12.57
N VAL A 358 -14.95 -11.56 13.66
CA VAL A 358 -14.00 -10.66 14.25
C VAL A 358 -12.65 -10.91 13.59
N TYR A 359 -12.07 -9.83 13.06
CA TYR A 359 -10.83 -9.90 12.33
C TYR A 359 -9.85 -8.93 12.97
N ASN A 360 -8.84 -9.48 13.65
CA ASN A 360 -7.83 -8.68 14.31
C ASN A 360 -6.91 -8.07 13.26
N PHE A 361 -6.56 -6.80 13.50
CA PHE A 361 -5.56 -6.05 12.73
C PHE A 361 -4.21 -6.45 13.29
N VAL A 362 -3.15 -5.77 12.89
CA VAL A 362 -1.82 -6.05 13.37
C VAL A 362 -1.67 -5.50 14.79
N ASP A 363 -0.82 -6.11 15.61
CA ASP A 363 -0.50 -5.58 16.93
C ASP A 363 0.41 -4.37 16.71
N MET A 364 -0.11 -3.17 17.03
CA MET A 364 0.61 -1.93 16.94
C MET A 364 1.39 -1.65 18.23
N LEU A 365 1.25 -2.49 19.27
CA LEU A 365 1.91 -2.25 20.56
C LEU A 365 2.66 -3.49 21.06
N SER A 366 3.78 -3.83 20.43
CA SER A 366 4.67 -4.89 20.91
C SER A 366 5.53 -4.45 22.10
N HIS A 367 5.75 -5.36 23.06
CA HIS A 367 6.71 -5.19 24.13
C HIS A 367 8.13 -5.56 23.70
N ALA A 368 8.27 -6.14 22.49
CA ALA A 368 9.57 -6.43 21.90
C ALA A 368 10.05 -5.28 21.03
N LYS A 369 11.23 -4.77 21.36
CA LYS A 369 11.76 -3.55 20.78
C LYS A 369 11.83 -3.65 19.26
N THR A 370 12.26 -4.82 18.75
CA THR A 370 12.57 -4.95 17.34
C THR A 370 11.27 -4.97 16.55
N GLU A 371 10.22 -5.54 17.15
CA GLU A 371 8.91 -5.57 16.53
C GLU A 371 8.31 -4.17 16.52
N MET A 372 8.60 -3.42 17.59
CA MET A 372 8.09 -2.07 17.70
C MET A 372 8.85 -1.18 16.73
N GLU A 373 10.13 -1.45 16.46
CA GLU A 373 10.90 -0.72 15.45
C GLU A 373 10.29 -0.95 14.06
N VAL A 374 9.89 -2.19 13.80
CA VAL A 374 9.27 -2.52 12.53
C VAL A 374 7.99 -1.71 12.38
N VAL A 375 7.17 -1.68 13.43
CA VAL A 375 5.88 -1.02 13.35
C VAL A 375 6.07 0.48 13.12
N LYS A 376 7.05 1.05 13.81
CA LYS A 376 7.28 2.47 13.75
C LYS A 376 7.79 2.84 12.37
N GLU A 377 8.59 2.00 11.72
CA GLU A 377 9.07 2.31 10.38
C GLU A 377 7.90 2.28 9.39
N LEU A 378 6.93 1.37 9.62
CA LEU A 378 5.79 1.17 8.74
C LEU A 378 4.65 2.14 9.01
N ALA A 379 4.51 2.64 10.24
CA ALA A 379 3.36 3.40 10.69
C ALA A 379 3.78 4.49 11.67
N SER A 380 4.70 5.35 11.24
CA SER A 380 5.30 6.37 12.09
C SER A 380 4.35 7.55 12.29
N ASP A 381 3.56 7.84 11.25
CA ASP A 381 2.57 8.89 11.31
C ASP A 381 1.29 8.36 10.66
N ASP A 382 0.28 9.23 10.59
CA ASP A 382 -1.06 8.84 10.21
C ASP A 382 -1.12 8.43 8.75
N LYS A 383 -0.43 9.19 7.86
CA LYS A 383 -0.32 8.84 6.45
C LYS A 383 0.25 7.42 6.30
N ALA A 384 1.30 7.11 7.05
CA ALA A 384 1.96 5.81 6.95
C ALA A 384 1.02 4.70 7.42
N TYR A 385 0.29 4.99 8.50
CA TYR A 385 -0.69 4.07 9.08
C TYR A 385 -1.74 3.73 8.02
N ARG A 386 -2.28 4.75 7.37
CA ARG A 386 -3.27 4.53 6.31
C ARG A 386 -2.68 3.68 5.20
N SER A 387 -1.48 4.03 4.76
CA SER A 387 -0.80 3.31 3.69
C SER A 387 -0.64 1.83 4.08
N LEU A 388 -0.18 1.58 5.31
CA LEU A 388 0.01 0.22 5.78
C LEU A 388 -1.32 -0.50 5.85
N THR A 389 -2.37 0.20 6.25
CA THR A 389 -3.70 -0.37 6.35
C THR A 389 -4.22 -0.78 4.97
N LEU A 390 -3.95 0.08 3.98
CA LEU A 390 -4.41 -0.21 2.63
C LEU A 390 -3.67 -1.46 2.11
N SER A 391 -2.37 -1.54 2.38
CA SER A 391 -1.60 -2.69 1.94
C SER A 391 -2.14 -3.95 2.58
N TRP A 392 -2.40 -3.86 3.89
CA TRP A 392 -2.96 -4.94 4.68
C TRP A 392 -4.26 -5.42 4.05
N PHE A 393 -5.19 -4.50 3.81
CA PHE A 393 -6.53 -4.90 3.41
C PHE A 393 -6.50 -5.54 2.02
N LYS A 394 -5.71 -4.98 1.10
CA LYS A 394 -5.63 -5.56 -0.24
C LYS A 394 -5.13 -6.99 -0.23
N ASN A 395 -4.32 -7.34 0.77
CA ASN A 395 -3.61 -8.60 0.75
C ASN A 395 -4.03 -9.48 1.92
N SER A 396 -5.12 -9.11 2.60
CA SER A 396 -5.60 -9.85 3.74
C SER A 396 -6.52 -10.99 3.32
N PRO A 397 -6.50 -12.14 4.02
CA PRO A 397 -7.57 -13.11 3.93
C PRO A 397 -8.95 -12.54 4.17
N LEU A 398 -9.03 -11.41 4.93
CA LEU A 398 -10.31 -10.76 5.14
C LEU A 398 -10.96 -10.40 3.80
N LEU A 399 -10.19 -9.83 2.90
CA LEU A 399 -10.74 -9.44 1.61
C LEU A 399 -11.17 -10.68 0.85
N GLU A 400 -10.44 -11.80 1.01
CA GLU A 400 -10.80 -13.04 0.33
C GLU A 400 -12.13 -13.54 0.88
N ILE A 401 -12.33 -13.45 2.20
CA ILE A 401 -13.61 -13.76 2.83
C ILE A 401 -14.73 -12.91 2.25
N ILE A 402 -14.48 -11.61 2.08
CA ILE A 402 -15.46 -10.68 1.53
C ILE A 402 -15.81 -11.04 0.06
N GLN A 403 -14.81 -11.37 -0.76
CA GLN A 403 -15.04 -11.79 -2.13
C GLN A 403 -15.90 -13.06 -2.17
N GLN A 404 -15.63 -14.02 -1.28
CA GLN A 404 -16.40 -15.25 -1.20
C GLN A 404 -17.84 -14.93 -0.86
N ALA A 405 -18.03 -14.11 0.18
CA ALA A 405 -19.34 -13.69 0.61
C ALA A 405 -20.06 -13.00 -0.54
N GLN A 406 -19.33 -12.20 -1.34
CA GLN A 406 -19.98 -11.50 -2.44
C GLN A 406 -20.53 -12.49 -3.49
N LEU A 407 -19.75 -13.56 -3.76
CA LEU A 407 -20.10 -14.53 -4.78
C LEU A 407 -21.32 -15.36 -4.35
N LEU A 408 -21.50 -15.54 -3.04
CA LEU A 408 -22.68 -16.17 -2.48
C LEU A 408 -23.84 -15.18 -2.22
N GLY A 409 -23.75 -13.91 -2.66
CA GLY A 409 -24.85 -12.96 -2.55
C GLY A 409 -25.10 -12.46 -1.12
N PHE A 410 -24.12 -12.60 -0.21
CA PHE A 410 -24.27 -12.06 1.13
C PHE A 410 -24.30 -10.54 1.11
N LYS A 411 -25.09 -9.96 2.01
CA LYS A 411 -24.95 -8.57 2.40
C LYS A 411 -23.77 -8.47 3.37
N LEU A 412 -23.05 -7.34 3.29
CA LEU A 412 -21.89 -7.11 4.14
C LEU A 412 -22.21 -5.99 5.12
N ILE A 413 -21.99 -6.30 6.41
CA ILE A 413 -21.93 -5.28 7.44
C ILE A 413 -20.50 -5.23 7.92
N LEU A 414 -19.88 -4.05 7.83
CA LEU A 414 -18.52 -3.82 8.27
C LEU A 414 -18.49 -2.72 9.35
N THR A 415 -17.87 -3.04 10.48
CA THR A 415 -17.72 -2.05 11.53
C THR A 415 -16.50 -2.40 12.36
N THR A 416 -16.39 -1.73 13.51
CA THR A 416 -15.27 -1.84 14.42
C THR A 416 -15.73 -1.57 15.84
N ASP A 417 -14.85 -1.82 16.81
CA ASP A 417 -15.18 -1.61 18.22
C ASP A 417 -14.70 -0.24 18.71
N HIS A 418 -13.62 0.30 18.13
CA HIS A 418 -13.00 1.56 18.53
C HIS A 418 -11.77 1.75 17.66
N GLY A 419 -11.30 2.99 17.58
CA GLY A 419 -10.07 3.32 16.86
C GLY A 419 -8.87 3.46 17.80
N THR A 420 -7.84 4.14 17.30
CA THR A 420 -6.58 4.36 17.96
C THR A 420 -6.11 5.76 17.57
N ILE A 421 -5.20 6.29 18.38
CA ILE A 421 -4.65 7.61 18.18
C ILE A 421 -3.14 7.54 18.43
N ASN A 422 -2.40 8.33 17.65
CA ASN A 422 -0.96 8.46 17.76
C ASN A 422 -0.66 9.31 18.98
N VAL A 423 -0.14 8.70 20.04
CA VAL A 423 0.06 9.40 21.30
C VAL A 423 1.39 10.15 21.25
N LYS A 424 1.44 11.28 21.97
CA LYS A 424 2.58 12.18 21.91
C LYS A 424 3.05 12.64 23.29
N ASN A 425 2.13 12.87 24.24
CA ASN A 425 2.47 13.57 25.45
C ASN A 425 2.28 12.63 26.64
N PRO A 426 3.32 12.34 27.44
CA PRO A 426 3.17 11.44 28.59
C PRO A 426 2.44 12.03 29.81
N SER A 427 1.78 11.17 30.59
CA SER A 427 1.07 11.55 31.79
C SER A 427 1.30 10.44 32.81
N LYS A 428 1.87 10.79 33.96
CA LYS A 428 2.32 9.80 34.93
C LYS A 428 1.10 9.24 35.64
N VAL A 429 1.12 7.95 35.91
CA VAL A 429 0.12 7.29 36.74
C VAL A 429 0.87 6.36 37.68
N VAL A 430 0.40 6.29 38.92
CA VAL A 430 0.98 5.45 39.97
C VAL A 430 -0.12 4.53 40.49
N GLY A 431 0.28 3.34 40.93
CA GLY A 431 -0.56 2.47 41.75
C GLY A 431 -1.23 1.35 40.97
N ASP A 432 -1.19 1.46 39.63
CA ASP A 432 -2.08 0.78 38.71
C ASP A 432 -2.26 -0.71 39.05
N LYS A 433 -1.14 -1.45 39.22
CA LYS A 433 -1.15 -2.89 39.51
C LYS A 433 -1.74 -3.71 38.37
N ASN A 434 -1.55 -3.26 37.12
CA ASN A 434 -2.20 -3.85 35.96
C ASN A 434 -1.99 -5.37 35.97
N LEU A 437 -2.21 -2.79 30.46
CA LEU A 437 -0.87 -2.83 29.83
C LEU A 437 -0.42 -1.41 29.47
N ASN A 438 -0.86 -0.88 28.31
CA ASN A 438 -0.27 0.30 27.67
C ASN A 438 -1.38 1.26 27.22
N LEU A 439 -2.61 1.06 27.72
CA LEU A 439 -3.78 1.65 27.12
C LEU A 439 -3.98 3.05 27.69
N ARG A 440 -4.93 3.77 27.09
CA ARG A 440 -5.28 5.14 27.45
C ARG A 440 -6.39 5.17 28.52
N TYR A 441 -6.60 4.05 29.19
CA TYR A 441 -7.36 4.03 30.43
C TYR A 441 -6.60 3.19 31.45
N LYS A 442 -6.89 3.48 32.72
CA LYS A 442 -6.47 2.67 33.85
C LYS A 442 -7.67 2.57 34.80
N THR A 443 -7.72 1.46 35.54
CA THR A 443 -8.70 1.23 36.57
C THR A 443 -7.98 0.62 37.76
N GLY A 444 -8.39 1.01 38.97
CA GLY A 444 -7.80 0.52 40.20
C GLY A 444 -8.35 1.30 41.39
N ARG A 445 -7.92 0.90 42.60
CA ARG A 445 -8.45 1.46 43.84
C ARG A 445 -7.45 2.42 44.48
N SER A 446 -6.25 2.59 43.91
CA SER A 446 -5.23 3.42 44.53
C SER A 446 -4.45 4.23 43.48
N LEU A 447 -5.15 4.74 42.46
CA LEU A 447 -4.53 5.45 41.35
C LEU A 447 -4.19 6.87 41.77
N THR A 448 -2.99 7.34 41.40
CA THR A 448 -2.72 8.76 41.35
C THR A 448 -2.29 9.12 39.92
N TYR A 449 -2.56 10.38 39.54
CA TYR A 449 -2.58 10.80 38.14
C TYR A 449 -2.62 12.32 38.07
N GLU A 450 -2.42 12.87 36.86
CA GLU A 450 -2.64 14.28 36.60
C GLU A 450 -4.07 14.47 36.14
N GLN A 451 -4.88 15.08 37.03
CA GLN A 451 -6.31 15.06 36.84
C GLN A 451 -6.66 15.90 35.61
N LYS A 452 -5.77 16.80 35.20
CA LYS A 452 -6.07 17.68 34.09
C LYS A 452 -6.03 16.90 32.78
N ASP A 453 -5.29 15.78 32.78
CA ASP A 453 -5.00 15.08 31.55
C ASP A 453 -6.05 14.01 31.25
N VAL A 454 -6.81 13.58 32.27
CA VAL A 454 -7.72 12.46 32.18
C VAL A 454 -9.14 12.88 32.56
N TYR A 455 -10.12 12.11 32.07
CA TYR A 455 -11.49 12.14 32.55
C TYR A 455 -11.58 11.10 33.66
N VAL A 456 -12.05 11.52 34.84
CA VAL A 456 -11.99 10.71 36.04
C VAL A 456 -13.40 10.31 36.41
N VAL A 457 -13.62 9.02 36.63
CA VAL A 457 -14.91 8.52 37.04
C VAL A 457 -14.70 7.75 38.34
N LYS A 458 -15.08 8.37 39.47
CA LYS A 458 -15.00 7.78 40.79
C LYS A 458 -16.20 6.88 41.07
N GLU A 459 -17.26 6.97 40.27
CA GLU A 459 -18.42 6.09 40.40
C GLU A 459 -18.67 5.36 39.07
N PRO A 460 -17.88 4.31 38.77
CA PRO A 460 -17.98 3.58 37.50
C PRO A 460 -19.35 3.06 37.12
N LYS A 461 -20.16 2.66 38.11
CA LYS A 461 -21.44 2.04 37.84
C LYS A 461 -22.35 3.01 37.10
N THR A 462 -22.15 4.32 37.32
CA THR A 462 -22.96 5.34 36.66
C THR A 462 -22.75 5.36 35.14
N ILE A 463 -21.62 4.86 34.62
CA ILE A 463 -21.44 4.75 33.17
C ILE A 463 -21.30 3.28 32.77
N GLY A 464 -21.98 2.39 33.48
CA GLY A 464 -22.16 1.02 33.06
C GLY A 464 -20.88 0.21 33.16
N LEU A 465 -19.97 0.61 34.07
CA LEU A 465 -18.70 -0.09 34.23
C LEU A 465 -18.66 -0.76 35.60
N PRO A 466 -18.01 -1.94 35.75
CA PRO A 466 -17.89 -2.58 37.05
C PRO A 466 -16.98 -1.80 37.98
N ALA A 467 -17.15 -2.06 39.27
CA ALA A 467 -16.29 -1.54 40.30
C ALA A 467 -16.10 -2.61 41.37
N ILE A 468 -14.85 -2.97 41.66
CA ILE A 468 -14.54 -4.03 42.62
C ILE A 468 -15.04 -3.61 44.00
N ASN A 469 -14.73 -2.38 44.41
CA ASN A 469 -15.36 -1.76 45.55
C ASN A 469 -15.50 -0.26 45.30
N MET A 470 -15.80 0.51 46.36
CA MET A 470 -16.24 1.88 46.21
C MET A 470 -15.04 2.81 46.06
N SER A 471 -13.82 2.29 46.19
CA SER A 471 -12.63 3.02 45.83
C SER A 471 -12.24 2.81 44.36
N SER A 472 -12.88 1.91 43.62
CA SER A 472 -12.52 1.69 42.22
C SER A 472 -12.82 2.94 41.41
N SER A 473 -11.84 3.40 40.63
CA SER A 473 -12.03 4.47 39.68
C SER A 473 -11.55 4.02 38.32
N PHE A 474 -12.04 4.73 37.31
CA PHE A 474 -11.50 4.68 35.96
C PHE A 474 -11.00 6.06 35.63
N ILE A 475 -9.84 6.12 34.97
CA ILE A 475 -9.37 7.33 34.33
C ILE A 475 -9.19 7.04 32.85
N PHE A 476 -9.52 8.03 32.02
CA PHE A 476 -9.48 7.93 30.58
C PHE A 476 -8.65 9.08 30.05
N ALA A 477 -7.55 8.77 29.34
CA ALA A 477 -6.68 9.80 28.78
C ALA A 477 -7.44 10.64 27.75
N LYS A 478 -7.16 11.94 27.74
CA LYS A 478 -7.68 12.85 26.75
C LYS A 478 -6.59 13.23 25.75
N ASN A 479 -6.94 14.01 24.72
CA ASN A 479 -5.96 14.62 23.84
C ASN A 479 -5.11 13.49 23.24
N ASP A 480 -3.80 13.71 23.16
CA ASP A 480 -2.87 12.71 22.70
C ASP A 480 -1.97 12.27 23.86
N PHE A 481 -2.48 12.31 25.09
CA PHE A 481 -1.77 11.79 26.25
C PHE A 481 -1.62 10.28 26.15
N PHE A 482 -0.50 9.77 26.67
CA PHE A 482 -0.42 8.38 27.04
C PHE A 482 -0.02 8.28 28.49
N LEU A 483 -0.57 7.26 29.15
CA LEU A 483 -0.37 7.06 30.58
C LEU A 483 0.91 6.27 30.76
N ALA A 484 1.84 6.86 31.50
CA ALA A 484 3.19 6.36 31.69
C ALA A 484 3.43 5.97 33.15
N TYR A 485 4.07 4.82 33.37
CA TYR A 485 4.43 4.40 34.72
C TYR A 485 5.64 5.20 35.21
N VAL A 486 5.70 5.53 36.52
CA VAL A 486 6.75 6.35 37.11
C VAL A 486 8.09 5.61 37.07
N ASN A 487 8.04 4.29 37.20
CA ASN A 487 9.25 3.49 37.19
C ASN A 487 9.68 3.26 35.74
N ASN A 488 10.96 3.48 35.47
CA ASN A 488 11.52 3.42 34.13
C ASN A 488 10.80 4.39 33.19
N TYR A 489 10.43 5.57 33.71
CA TYR A 489 9.59 6.55 33.04
C TYR A 489 10.22 6.98 31.72
N ASN A 490 11.50 7.39 31.76
CA ASN A 490 12.14 7.93 30.59
C ASN A 490 12.18 6.91 29.46
N HIS A 491 12.50 5.64 29.77
CA HIS A 491 12.59 4.60 28.74
CA HIS A 491 12.57 4.57 28.77
C HIS A 491 11.18 4.30 28.21
N TYR A 492 10.19 4.28 29.11
CA TYR A 492 8.80 4.11 28.74
C TYR A 492 8.33 5.17 27.74
N VAL A 493 8.66 6.43 28.04
CA VAL A 493 8.25 7.56 27.24
C VAL A 493 8.90 7.44 25.87
N SER A 494 10.19 7.14 25.81
CA SER A 494 10.84 7.12 24.50
C SER A 494 10.33 5.91 23.71
N TYR A 495 9.97 4.81 24.37
CA TYR A 495 9.43 3.66 23.65
C TYR A 495 8.01 3.91 23.09
N TYR A 496 7.11 4.47 23.89
CA TYR A 496 5.69 4.51 23.54
C TYR A 496 5.25 5.79 22.84
N LYS A 497 6.07 6.85 22.89
CA LYS A 497 5.87 8.01 22.04
C LYS A 497 5.65 7.57 20.60
N ASN A 498 4.67 8.22 19.94
CA ASN A 498 4.34 7.99 18.54
C ASN A 498 3.90 6.54 18.29
N THR A 499 3.16 5.95 19.23
CA THR A 499 2.55 4.65 18.97
C THR A 499 1.04 4.87 18.87
N TYR A 500 0.36 3.93 18.22
CA TYR A 500 -1.08 3.90 18.09
C TYR A 500 -1.69 3.22 19.32
N GLN A 501 -2.35 4.00 20.17
CA GLN A 501 -2.95 3.49 21.37
C GLN A 501 -4.45 3.78 21.39
N HIS A 502 -5.15 3.12 22.33
CA HIS A 502 -6.58 3.25 22.47
C HIS A 502 -6.95 3.08 23.93
N GLY A 503 -8.21 3.40 24.26
CA GLY A 503 -8.76 3.26 25.60
C GLY A 503 -9.32 4.58 26.12
N GLY A 504 -8.89 5.69 25.49
CA GLY A 504 -9.23 7.02 25.95
C GLY A 504 -10.23 7.73 25.05
N ILE A 505 -10.21 9.08 25.14
CA ILE A 505 -11.14 9.95 24.43
C ILE A 505 -10.40 10.66 23.31
N SER A 506 -10.88 10.45 22.10
CA SER A 506 -10.51 11.22 20.92
C SER A 506 -11.54 10.91 19.84
N LEU A 507 -11.63 11.79 18.84
CA LEU A 507 -12.42 11.52 17.64
C LEU A 507 -12.02 10.19 17.01
N GLU A 508 -10.69 9.96 16.95
CA GLU A 508 -10.12 8.79 16.29
C GLU A 508 -10.54 7.52 17.03
N GLU A 509 -10.47 7.54 18.36
CA GLU A 509 -10.81 6.36 19.14
C GLU A 509 -12.32 6.13 19.16
N MET A 510 -13.12 7.20 19.22
CA MET A 510 -14.48 7.03 19.71
C MET A 510 -15.52 7.06 18.57
N ILE A 511 -15.33 7.89 17.53
CA ILE A 511 -16.31 8.01 16.45
C ILE A 511 -15.90 7.12 15.27
N ILE A 512 -16.66 6.05 15.02
CA ILE A 512 -16.20 4.92 14.23
C ILE A 512 -17.31 4.52 13.26
N PRO A 513 -16.96 3.95 12.07
CA PRO A 513 -17.95 3.69 11.04
C PRO A 513 -18.74 2.41 11.29
N PHE A 514 -20.00 2.47 10.84
CA PHE A 514 -20.84 1.30 10.64
C PHE A 514 -21.37 1.34 9.21
N LEU A 515 -21.12 0.25 8.48
CA LEU A 515 -21.27 0.25 7.03
C LEU A 515 -22.05 -0.96 6.56
N VAL A 516 -23.02 -0.73 5.69
CA VAL A 516 -23.82 -1.79 5.08
C VAL A 516 -23.67 -1.75 3.57
N PHE A 517 -23.42 -2.90 2.98
CA PHE A 517 -23.18 -2.97 1.55
C PHE A 517 -23.98 -4.11 0.92
N ASN A 518 -24.32 -3.89 -0.37
CA ASN A 518 -24.92 -4.92 -1.19
C ASN A 518 -23.86 -5.44 -2.16
N PRO A 519 -23.85 -6.75 -2.44
CA PRO A 519 -22.87 -7.32 -3.36
C PRO A 519 -23.08 -6.80 -4.77
N LYS A 520 -21.98 -6.51 -5.47
CA LYS A 520 -22.02 -6.03 -6.84
C LYS A 520 -22.03 -7.21 -7.82
N MET B 4 -26.55 -7.42 -13.57
CA MET B 4 -27.47 -7.76 -12.44
C MET B 4 -28.28 -6.50 -12.10
N ASP B 5 -27.80 -5.71 -11.13
CA ASP B 5 -28.48 -4.49 -10.71
C ASP B 5 -28.02 -3.37 -11.66
N LYS B 6 -28.92 -2.42 -11.98
CA LYS B 6 -28.61 -1.36 -12.94
C LYS B 6 -27.74 -0.25 -12.32
N ILE B 7 -26.83 0.28 -13.13
CA ILE B 7 -25.99 1.41 -12.76
C ILE B 7 -26.86 2.67 -12.71
N ARG B 8 -26.75 3.39 -11.59
CA ARG B 8 -27.54 4.59 -11.36
C ARG B 8 -26.69 5.81 -11.63
N ILE B 9 -27.13 6.61 -12.61
CA ILE B 9 -26.46 7.87 -12.97
C ILE B 9 -27.31 9.03 -12.47
N LEU B 10 -26.68 10.00 -11.82
CA LEU B 10 -27.33 11.28 -11.55
C LEU B 10 -26.74 12.29 -12.51
N TRP B 11 -27.61 12.95 -13.28
CA TRP B 11 -27.21 13.90 -14.30
C TRP B 11 -27.83 15.26 -13.99
N VAL B 12 -26.95 16.23 -13.75
CA VAL B 12 -27.29 17.59 -13.34
C VAL B 12 -26.97 18.53 -14.50
N ASP B 13 -28.01 19.17 -15.03
CA ASP B 13 -27.89 20.10 -16.13
C ASP B 13 -29.16 20.96 -16.18
N ASP B 14 -29.01 22.26 -16.38
CA ASP B 14 -30.15 23.15 -16.41
C ASP B 14 -30.96 22.99 -17.70
N GLU B 15 -30.46 22.20 -18.67
CA GLU B 15 -31.17 22.02 -19.92
C GLU B 15 -31.38 20.53 -20.17
N ILE B 16 -32.14 19.89 -19.28
CA ILE B 16 -32.36 18.46 -19.31
C ILE B 16 -33.04 18.05 -20.62
N ASP B 17 -33.89 18.95 -21.14
CA ASP B 17 -34.66 18.71 -22.36
C ASP B 17 -33.73 18.28 -23.48
N LEU B 18 -32.62 19.02 -23.63
CA LEU B 18 -31.71 18.87 -24.74
C LEU B 18 -30.90 17.58 -24.64
N LEU B 19 -30.87 16.93 -23.47
CA LEU B 19 -30.10 15.70 -23.25
C LEU B 19 -30.94 14.46 -23.42
N LYS B 20 -32.18 14.60 -23.89
CA LYS B 20 -33.08 13.46 -23.98
C LYS B 20 -32.49 12.35 -24.87
N PRO B 21 -31.91 12.65 -26.07
CA PRO B 21 -31.25 11.61 -26.87
C PRO B 21 -30.21 10.79 -26.11
N HIS B 22 -29.27 11.47 -25.42
CA HIS B 22 -28.26 10.80 -24.59
C HIS B 22 -28.90 9.90 -23.52
N ILE B 23 -29.94 10.40 -22.85
CA ILE B 23 -30.56 9.62 -21.79
C ILE B 23 -31.20 8.34 -22.34
N LEU B 24 -31.94 8.48 -23.44
CA LEU B 24 -32.53 7.35 -24.14
C LEU B 24 -31.47 6.33 -24.54
N PHE B 25 -30.34 6.82 -25.05
CA PHE B 25 -29.26 5.95 -25.47
C PHE B 25 -28.73 5.16 -24.28
N LEU B 26 -28.54 5.85 -23.14
CA LEU B 26 -28.00 5.21 -21.95
C LEU B 26 -28.99 4.21 -21.37
N GLU B 27 -30.28 4.55 -21.45
CA GLU B 27 -31.31 3.68 -20.92
C GLU B 27 -31.43 2.41 -21.75
N LYS B 28 -31.34 2.54 -23.09
CA LYS B 28 -31.28 1.37 -23.95
C LYS B 28 -30.11 0.47 -23.54
N LYS B 29 -29.00 1.07 -23.06
CA LYS B 29 -27.81 0.30 -22.70
C LYS B 29 -27.83 -0.09 -21.23
N ASN B 30 -28.97 0.11 -20.57
CA ASN B 30 -29.25 -0.48 -19.27
C ASN B 30 -28.69 0.36 -18.12
N TYR B 31 -28.51 1.67 -18.38
CA TYR B 31 -28.26 2.62 -17.31
C TYR B 31 -29.60 3.21 -16.87
N GLU B 32 -29.73 3.40 -15.55
CA GLU B 32 -30.80 4.16 -14.95
C GLU B 32 -30.32 5.59 -14.73
N VAL B 33 -30.99 6.56 -15.37
CA VAL B 33 -30.66 7.97 -15.22
C VAL B 33 -31.71 8.67 -14.37
N THR B 34 -31.27 9.33 -13.32
CA THR B 34 -32.06 10.32 -12.59
C THR B 34 -31.53 11.70 -12.95
N THR B 35 -32.42 12.62 -13.34
CA THR B 35 -32.04 13.95 -13.80
C THR B 35 -32.39 14.98 -12.74
N SER B 36 -31.70 16.12 -12.80
CA SER B 36 -31.95 17.24 -11.91
C SER B 36 -31.44 18.49 -12.62
N ASN B 37 -32.10 19.62 -12.44
CA ASN B 37 -31.79 20.79 -13.27
C ASN B 37 -31.02 21.85 -12.49
N ASN B 38 -30.70 21.59 -11.22
CA ASN B 38 -29.84 22.52 -10.52
C ASN B 38 -29.02 21.76 -9.47
N GLY B 39 -27.85 22.31 -9.14
CA GLY B 39 -26.93 21.68 -8.24
C GLY B 39 -27.48 21.40 -6.85
N LEU B 40 -28.24 22.36 -6.29
CA LEU B 40 -28.69 22.23 -4.91
C LEU B 40 -29.65 21.06 -4.74
N ASP B 41 -30.61 20.91 -5.67
CA ASP B 41 -31.52 19.76 -5.63
C ASP B 41 -30.73 18.46 -5.88
N ALA B 42 -29.79 18.50 -6.83
CA ALA B 42 -28.93 17.36 -7.10
C ALA B 42 -28.21 16.93 -5.82
N ILE B 43 -27.70 17.88 -5.02
CA ILE B 43 -27.01 17.56 -3.79
C ILE B 43 -27.92 16.80 -2.83
N ALA B 44 -29.18 17.25 -2.70
CA ALA B 44 -30.14 16.59 -1.85
C ALA B 44 -30.38 15.15 -2.30
N LEU B 45 -30.65 14.96 -3.60
CA LEU B 45 -30.79 13.63 -4.19
C LEU B 45 -29.56 12.79 -3.87
N PHE B 46 -28.38 13.38 -4.07
CA PHE B 46 -27.11 12.69 -3.90
C PHE B 46 -26.92 12.28 -2.43
N GLU B 47 -27.45 13.04 -1.48
CA GLU B 47 -27.39 12.65 -0.07
C GLU B 47 -28.34 11.49 0.23
N GLU B 48 -29.52 11.48 -0.39
CA GLU B 48 -30.58 10.56 0.02
C GLU B 48 -30.54 9.24 -0.76
N GLU B 49 -29.73 9.14 -1.83
CA GLU B 49 -29.63 7.93 -2.63
C GLU B 49 -28.15 7.59 -2.85
N ASN B 50 -27.92 6.35 -3.28
CA ASN B 50 -26.57 5.91 -3.60
C ASN B 50 -26.46 5.77 -5.12
N PHE B 51 -26.08 6.87 -5.78
CA PHE B 51 -25.76 6.84 -7.20
C PHE B 51 -24.36 6.25 -7.41
N ASP B 52 -24.18 5.58 -8.56
CA ASP B 52 -22.90 5.00 -8.91
C ASP B 52 -21.97 6.05 -9.51
N ILE B 53 -22.56 7.12 -10.05
CA ILE B 53 -21.78 8.09 -10.79
C ILE B 53 -22.65 9.33 -11.02
N VAL B 54 -21.97 10.49 -11.09
CA VAL B 54 -22.65 11.76 -11.30
C VAL B 54 -22.10 12.43 -12.56
N PHE B 55 -23.01 12.92 -13.42
CA PHE B 55 -22.66 13.84 -14.48
C PHE B 55 -23.05 15.27 -14.09
N LEU B 56 -22.15 16.23 -14.29
CA LEU B 56 -22.37 17.63 -13.94
C LEU B 56 -22.16 18.53 -15.17
N ASP B 57 -23.16 19.35 -15.49
CA ASP B 57 -22.95 20.55 -16.27
C ASP B 57 -22.14 21.56 -15.48
N GLU B 58 -21.44 22.48 -16.15
CA GLU B 58 -20.69 23.53 -15.46
C GLU B 58 -21.51 24.82 -15.34
N ASN B 59 -21.96 25.38 -16.46
CA ASN B 59 -22.65 26.67 -16.49
CA ASN B 59 -22.64 26.68 -16.46
C ASN B 59 -24.12 26.44 -16.19
N MET B 60 -24.51 26.70 -14.93
CA MET B 60 -25.88 26.61 -14.48
C MET B 60 -26.19 27.86 -13.65
N PRO B 61 -27.44 28.35 -13.64
CA PRO B 61 -27.83 29.43 -12.75
C PRO B 61 -27.86 28.80 -11.36
N GLY B 62 -27.47 29.59 -10.37
CA GLY B 62 -27.27 29.02 -9.06
C GLY B 62 -25.87 28.49 -8.99
N MET B 63 -25.72 27.42 -8.22
CA MET B 63 -24.44 26.74 -8.11
C MET B 63 -23.96 26.27 -9.49
N SER B 64 -22.69 26.54 -9.75
CA SER B 64 -21.96 25.96 -10.87
C SER B 64 -21.77 24.45 -10.64
N GLY B 65 -21.44 23.74 -11.73
CA GLY B 65 -21.02 22.36 -11.68
C GLY B 65 -19.90 22.13 -10.68
N LEU B 66 -18.92 23.03 -10.70
CA LEU B 66 -17.72 22.86 -9.89
C LEU B 66 -18.04 23.11 -8.41
N GLU B 67 -18.99 24.02 -8.14
CA GLU B 67 -19.43 24.26 -6.78
C GLU B 67 -20.22 23.04 -6.32
N THR B 68 -21.06 22.52 -7.20
CA THR B 68 -21.82 21.32 -6.88
C THR B 68 -20.87 20.17 -6.58
N LEU B 69 -19.88 20.00 -7.46
CA LEU B 69 -18.91 18.92 -7.36
C LEU B 69 -18.24 18.96 -5.99
N SER B 70 -17.82 20.17 -5.60
CA SER B 70 -17.10 20.39 -4.37
C SER B 70 -17.95 19.90 -3.21
N GLU B 71 -19.25 20.24 -3.20
CA GLU B 71 -20.14 19.83 -2.13
C GLU B 71 -20.32 18.31 -2.15
N MET B 72 -20.50 17.74 -3.33
CA MET B 72 -20.79 16.32 -3.43
C MET B 72 -19.57 15.50 -2.99
N LYS B 73 -18.37 15.93 -3.40
CA LYS B 73 -17.17 15.19 -3.05
C LYS B 73 -16.98 15.16 -1.54
N GLU B 74 -17.31 16.26 -0.87
CA GLU B 74 -17.10 16.31 0.57
C GLU B 74 -18.01 15.28 1.23
N LYS B 75 -19.24 15.18 0.72
CA LYS B 75 -20.23 14.30 1.32
C LYS B 75 -19.87 12.83 1.07
N LYS B 76 -19.54 12.50 -0.18
CA LYS B 76 -19.29 11.12 -0.56
C LYS B 76 -18.18 11.07 -1.61
N SER B 77 -16.93 11.06 -1.16
CA SER B 77 -15.81 11.41 -2.01
C SER B 77 -15.46 10.27 -2.96
N ALA B 78 -15.94 9.04 -2.70
CA ALA B 78 -15.56 7.88 -3.49
C ALA B 78 -16.44 7.74 -4.74
N ILE B 79 -17.52 8.51 -4.86
CA ILE B 79 -18.36 8.39 -6.03
C ILE B 79 -17.74 9.14 -7.20
N PRO B 80 -17.47 8.49 -8.35
CA PRO B 80 -16.92 9.19 -9.49
C PRO B 80 -17.85 10.24 -10.07
N MET B 81 -17.23 11.29 -10.60
CA MET B 81 -17.98 12.41 -11.13
C MET B 81 -17.37 12.88 -12.43
N ILE B 82 -18.24 13.08 -13.40
CA ILE B 82 -17.85 13.42 -14.75
C ILE B 82 -18.50 14.76 -15.07
N MET B 83 -17.71 15.67 -15.62
CA MET B 83 -18.23 16.94 -16.09
C MET B 83 -18.55 16.84 -17.59
N ILE B 84 -19.77 17.23 -17.95
CA ILE B 84 -20.22 17.27 -19.33
C ILE B 84 -20.74 18.67 -19.63
N THR B 85 -19.98 19.44 -20.42
CA THR B 85 -20.11 20.88 -20.45
C THR B 85 -19.74 21.40 -21.83
N LYS B 86 -20.32 22.56 -22.20
CA LYS B 86 -19.92 23.28 -23.41
C LYS B 86 -18.58 23.97 -23.21
N SER B 87 -18.15 24.17 -21.95
CA SER B 87 -17.00 25.00 -21.67
C SER B 87 -15.72 24.35 -22.19
N GLU B 88 -14.98 25.11 -23.00
CA GLU B 88 -13.70 24.69 -23.57
C GLU B 88 -12.56 25.44 -22.90
N GLU B 89 -12.87 26.26 -21.88
CA GLU B 89 -11.87 27.09 -21.22
C GLU B 89 -10.86 26.21 -20.52
N GLU B 90 -9.57 26.49 -20.71
CA GLU B 90 -8.53 25.70 -20.05
C GLU B 90 -8.63 25.79 -18.52
N TYR B 91 -8.98 26.96 -17.98
CA TYR B 91 -8.95 27.14 -16.54
C TYR B 91 -10.07 26.28 -15.94
N ILE B 92 -11.18 26.12 -16.65
CA ILE B 92 -12.24 25.24 -16.19
C ILE B 92 -11.75 23.79 -16.19
N MET B 93 -11.03 23.41 -17.25
CA MET B 93 -10.45 22.09 -17.37
C MET B 93 -9.58 21.84 -16.14
N GLU B 94 -8.76 22.82 -15.80
CA GLU B 94 -7.77 22.61 -14.76
C GLU B 94 -8.43 22.55 -13.39
N GLU B 95 -9.49 23.33 -13.20
CA GLU B 95 -10.15 23.34 -11.93
C GLU B 95 -10.83 22.01 -11.71
N ALA B 96 -11.50 21.53 -12.76
CA ALA B 96 -12.22 20.27 -12.74
C ALA B 96 -11.23 19.16 -12.39
N ILE B 97 -10.11 19.13 -13.12
CA ILE B 97 -9.11 18.11 -12.90
C ILE B 97 -8.61 18.19 -11.46
N GLY B 98 -8.29 19.41 -11.03
CA GLY B 98 -7.75 19.63 -9.70
C GLY B 98 -8.75 19.26 -8.61
N SER B 99 -10.04 19.24 -8.97
CA SER B 99 -11.10 18.85 -8.05
C SER B 99 -11.39 17.35 -8.06
N LYS B 100 -10.54 16.53 -8.71
CA LYS B 100 -10.68 15.08 -8.75
C LYS B 100 -11.86 14.63 -9.60
N ILE B 101 -12.23 15.40 -10.63
CA ILE B 101 -13.13 14.91 -11.67
C ILE B 101 -12.59 13.60 -12.25
N ALA B 102 -13.46 12.63 -12.51
CA ALA B 102 -13.02 11.38 -13.12
C ALA B 102 -12.96 11.51 -14.64
N ASP B 103 -13.71 12.44 -15.24
CA ASP B 103 -13.60 12.72 -16.65
C ASP B 103 -14.25 14.07 -16.96
N TYR B 104 -13.97 14.60 -18.14
CA TYR B 104 -14.50 15.87 -18.60
C TYR B 104 -14.82 15.73 -20.10
N LEU B 105 -16.11 15.75 -20.45
CA LEU B 105 -16.57 15.58 -21.83
C LEU B 105 -17.18 16.89 -22.35
N ILE B 106 -16.70 17.35 -23.52
CA ILE B 106 -17.06 18.66 -24.07
C ILE B 106 -18.22 18.50 -25.03
N LYS B 107 -19.28 19.31 -24.82
CA LYS B 107 -20.47 19.28 -25.68
C LYS B 107 -20.18 19.97 -27.02
N PRO B 108 -20.77 19.53 -28.15
CA PRO B 108 -21.68 18.37 -28.18
C PRO B 108 -20.93 17.05 -28.06
N VAL B 109 -21.44 16.13 -27.24
CA VAL B 109 -20.73 14.90 -26.95
C VAL B 109 -21.34 13.80 -27.79
N ASN B 110 -20.46 12.99 -28.37
CA ASN B 110 -20.87 11.73 -28.94
C ASN B 110 -21.43 10.85 -27.83
N PRO B 111 -22.63 10.26 -27.97
CA PRO B 111 -23.19 9.40 -26.93
C PRO B 111 -22.28 8.21 -26.57
N ASN B 112 -21.52 7.73 -27.57
CA ASN B 112 -20.60 6.63 -27.33
C ASN B 112 -19.41 7.07 -26.47
N GLN B 113 -19.07 8.36 -26.48
CA GLN B 113 -18.01 8.89 -25.66
C GLN B 113 -18.41 8.84 -24.19
N ILE B 114 -19.73 9.03 -23.92
CA ILE B 114 -20.26 8.95 -22.57
C ILE B 114 -20.19 7.50 -22.12
N LEU B 115 -20.54 6.59 -23.04
CA LEU B 115 -20.57 5.17 -22.76
C LEU B 115 -19.17 4.69 -22.42
N LEU B 116 -18.21 5.10 -23.26
CA LEU B 116 -16.82 4.82 -22.96
C LEU B 116 -16.49 5.23 -21.52
N SER B 117 -16.78 6.48 -21.20
CA SER B 117 -16.45 7.03 -19.92
C SER B 117 -17.06 6.20 -18.79
N LEU B 118 -18.31 5.73 -18.99
CA LEU B 118 -18.99 4.94 -17.98
C LEU B 118 -18.29 3.60 -17.77
N LYS B 119 -17.83 2.99 -18.86
CA LYS B 119 -17.19 1.69 -18.82
C LYS B 119 -15.82 1.82 -18.15
N LYS B 120 -15.09 2.88 -18.53
CA LYS B 120 -13.75 3.14 -18.05
C LYS B 120 -13.76 3.40 -16.53
N ASN B 121 -14.77 4.13 -16.05
CA ASN B 121 -14.80 4.55 -14.67
C ASN B 121 -15.48 3.51 -13.79
N LEU B 122 -16.29 2.59 -14.35
CA LEU B 122 -17.00 1.66 -13.51
C LEU B 122 -16.59 0.21 -13.73
N ASP B 123 -16.06 -0.17 -14.91
CA ASP B 123 -15.80 -1.55 -15.24
C ASP B 123 -14.31 -1.87 -15.42
N ASP B 124 -13.43 -0.91 -15.16
CA ASP B 124 -12.06 -1.04 -15.62
C ASP B 124 -11.36 -2.21 -14.89
N SER B 125 -11.62 -2.42 -13.61
CA SER B 125 -10.98 -3.49 -12.86
C SER B 125 -11.22 -4.86 -13.50
N ARG B 126 -12.49 -5.14 -13.79
CA ARG B 126 -12.91 -6.39 -14.39
C ARG B 126 -12.32 -6.53 -15.79
N LEU B 127 -12.33 -5.44 -16.55
CA LEU B 127 -11.84 -5.50 -17.93
C LEU B 127 -10.35 -5.77 -17.97
N ILE B 128 -9.61 -5.14 -17.05
CA ILE B 128 -8.18 -5.34 -16.93
C ILE B 128 -7.88 -6.79 -16.57
N THR B 129 -8.63 -7.37 -15.64
CA THR B 129 -8.42 -8.76 -15.24
C THR B 129 -8.59 -9.71 -16.42
N GLU B 130 -9.70 -9.53 -17.15
CA GLU B 130 -10.03 -10.36 -18.29
C GLU B 130 -8.97 -10.21 -19.37
N LYS B 131 -8.63 -8.96 -19.70
CA LYS B 131 -7.69 -8.70 -20.76
C LYS B 131 -6.30 -9.21 -20.38
N THR B 132 -5.83 -8.92 -19.16
CA THR B 132 -4.53 -9.42 -18.72
C THR B 132 -4.49 -10.94 -18.84
N THR B 133 -5.59 -11.59 -18.45
CA THR B 133 -5.66 -13.05 -18.41
C THR B 133 -5.52 -13.61 -19.84
N LEU B 134 -6.27 -13.05 -20.78
CA LEU B 134 -6.21 -13.49 -22.16
C LEU B 134 -4.88 -13.12 -22.79
N ASP B 135 -4.31 -11.94 -22.47
CA ASP B 135 -3.01 -11.61 -23.00
C ASP B 135 -1.99 -12.68 -22.58
N TYR B 136 -1.99 -13.07 -21.31
CA TYR B 136 -1.02 -14.05 -20.83
C TYR B 136 -1.28 -15.43 -21.44
N GLN B 137 -2.56 -15.78 -21.62
CA GLN B 137 -2.92 -17.02 -22.27
C GLN B 137 -2.32 -17.08 -23.68
N LYS B 138 -2.32 -15.96 -24.41
CA LYS B 138 -1.78 -15.90 -25.75
C LYS B 138 -0.24 -15.78 -25.76
N GLU B 139 0.38 -15.45 -24.62
CA GLU B 139 1.80 -15.12 -24.60
C GLU B 139 2.65 -16.25 -24.02
N PHE B 140 2.08 -17.08 -23.14
CA PHE B 140 2.93 -17.88 -22.26
C PHE B 140 3.77 -18.85 -23.06
N ARG B 141 3.22 -19.38 -24.16
CA ARG B 141 3.96 -20.30 -25.01
C ARG B 141 5.19 -19.61 -25.60
N LYS B 142 5.05 -18.36 -26.04
CA LYS B 142 6.19 -17.60 -26.56
C LYS B 142 7.21 -17.36 -25.46
N ILE B 143 6.77 -17.23 -24.20
CA ILE B 143 7.70 -17.04 -23.09
C ILE B 143 8.51 -18.32 -22.87
N SER B 144 7.83 -19.47 -22.89
CA SER B 144 8.50 -20.75 -22.75
C SER B 144 9.54 -20.95 -23.84
N MET B 145 9.26 -20.46 -25.05
CA MET B 145 10.22 -20.57 -26.13
C MET B 145 11.42 -19.64 -25.92
N GLU B 146 11.20 -18.39 -25.49
CA GLU B 146 12.31 -17.48 -25.22
C GLU B 146 13.24 -18.08 -24.17
N LEU B 147 12.65 -18.71 -23.14
CA LEU B 147 13.38 -19.39 -22.09
C LEU B 147 14.34 -20.42 -22.69
N ALA B 148 13.83 -21.24 -23.62
CA ALA B 148 14.61 -22.31 -24.23
C ALA B 148 15.80 -21.80 -25.05
N MET B 149 15.66 -20.60 -25.64
CA MET B 149 16.67 -19.99 -26.50
C MET B 149 17.68 -19.15 -25.70
N VAL B 150 17.56 -19.06 -24.37
CA VAL B 150 18.50 -18.29 -23.57
C VAL B 150 19.88 -18.98 -23.61
N ASN B 151 20.92 -18.29 -24.14
CA ASN B 151 22.27 -18.85 -24.12
C ASN B 151 23.30 -17.91 -23.48
N SER B 152 22.95 -16.70 -23.05
CA SER B 152 23.93 -15.84 -22.40
C SER B 152 23.40 -15.17 -21.13
N TYR B 153 24.29 -14.60 -20.32
CA TYR B 153 23.89 -13.83 -19.15
C TYR B 153 22.94 -12.68 -19.54
N GLU B 154 23.12 -12.04 -20.71
CA GLU B 154 22.27 -10.92 -21.12
C GLU B 154 20.87 -11.40 -21.49
N ASP B 155 20.76 -12.59 -22.10
CA ASP B 155 19.48 -13.22 -22.36
C ASP B 155 18.78 -13.53 -21.04
N TRP B 156 19.53 -13.98 -20.03
CA TRP B 156 18.95 -14.24 -18.73
C TRP B 156 18.36 -12.95 -18.14
N VAL B 157 19.06 -11.83 -18.33
CA VAL B 157 18.59 -10.55 -17.87
C VAL B 157 17.29 -10.22 -18.59
N GLU B 158 17.25 -10.42 -19.92
CA GLU B 158 16.06 -10.04 -20.67
C GLU B 158 14.91 -10.94 -20.28
N LEU B 159 15.16 -12.22 -20.04
CA LEU B 159 14.06 -13.13 -19.75
C LEU B 159 13.48 -12.79 -18.38
N TYR B 160 14.36 -12.55 -17.40
CA TYR B 160 13.98 -12.14 -16.06
C TYR B 160 13.09 -10.90 -16.14
N LYS B 161 13.49 -9.91 -16.94
CA LYS B 161 12.69 -8.71 -17.15
C LYS B 161 11.30 -9.08 -17.64
N LYS B 162 11.19 -10.09 -18.51
CA LYS B 162 9.90 -10.51 -19.03
C LYS B 162 9.03 -11.15 -17.93
N LEU B 163 9.63 -12.05 -17.14
CA LEU B 163 8.92 -12.66 -16.02
C LEU B 163 8.46 -11.60 -15.03
N LEU B 164 9.31 -10.62 -14.73
CA LEU B 164 8.94 -9.58 -13.79
C LEU B 164 7.74 -8.81 -14.30
N PHE B 165 7.74 -8.50 -15.60
CA PHE B 165 6.66 -7.77 -16.22
C PHE B 165 5.36 -8.55 -16.05
N TRP B 166 5.35 -9.85 -16.36
CA TRP B 166 4.13 -10.64 -16.25
C TRP B 166 3.76 -10.87 -14.80
N GLU B 167 4.74 -10.99 -13.90
CA GLU B 167 4.43 -11.21 -12.49
CA GLU B 167 4.46 -11.19 -12.48
C GLU B 167 3.61 -10.04 -11.95
N LEU B 168 4.02 -8.82 -12.28
CA LEU B 168 3.31 -7.65 -11.77
C LEU B 168 1.94 -7.53 -12.44
N LYS B 169 1.82 -7.91 -13.73
CA LYS B 169 0.54 -7.84 -14.41
C LYS B 169 -0.46 -8.88 -13.92
N LEU B 170 0.04 -10.07 -13.59
CA LEU B 170 -0.85 -11.15 -13.17
C LEU B 170 -1.17 -11.08 -11.68
N GLU B 171 -0.67 -10.08 -10.96
CA GLU B 171 -0.84 -10.16 -9.51
C GLU B 171 -2.34 -10.09 -9.17
N ASP B 172 -3.11 -9.29 -9.92
CA ASP B 172 -4.56 -9.17 -9.76
C ASP B 172 -5.32 -9.84 -10.93
N ILE B 173 -5.13 -11.15 -11.07
CA ILE B 173 -6.00 -11.98 -11.86
C ILE B 173 -6.47 -13.11 -10.94
N ASN B 174 -7.47 -13.85 -11.40
CA ASN B 174 -8.15 -14.86 -10.61
C ASN B 174 -7.80 -16.26 -11.08
N ASP B 175 -7.63 -16.43 -12.40
CA ASP B 175 -7.55 -17.75 -13.01
C ASP B 175 -6.34 -18.45 -12.41
N GLN B 176 -6.55 -19.62 -11.81
CA GLN B 176 -5.53 -20.32 -11.04
C GLN B 176 -4.64 -21.11 -12.00
N ALA B 177 -5.25 -21.60 -13.06
CA ALA B 177 -4.50 -22.25 -14.13
C ALA B 177 -3.40 -21.33 -14.66
N MET B 178 -3.78 -20.10 -15.05
CA MET B 178 -2.81 -19.14 -15.59
C MET B 178 -1.77 -18.78 -14.54
N ILE B 179 -2.18 -18.64 -13.26
CA ILE B 179 -1.26 -18.32 -12.20
C ILE B 179 -0.25 -19.45 -12.05
N GLU B 180 -0.71 -20.70 -12.16
CA GLU B 180 0.20 -21.81 -11.97
C GLU B 180 1.13 -21.95 -13.16
N ILE B 181 0.65 -21.63 -14.36
CA ILE B 181 1.51 -21.64 -15.52
C ILE B 181 2.69 -20.70 -15.28
N LEU B 182 2.43 -19.51 -14.75
CA LEU B 182 3.51 -18.53 -14.55
C LEU B 182 4.46 -19.05 -13.48
N GLU B 183 3.91 -19.58 -12.40
CA GLU B 183 4.73 -20.14 -11.33
C GLU B 183 5.63 -21.21 -11.92
N SER B 184 5.13 -21.99 -12.88
CA SER B 184 5.94 -23.05 -13.46
C SER B 184 7.02 -22.47 -14.39
N GLN B 185 6.76 -21.33 -15.06
CA GLN B 185 7.78 -20.68 -15.84
C GLN B 185 8.90 -20.14 -14.94
N LYS B 186 8.54 -19.56 -13.80
CA LYS B 186 9.52 -19.11 -12.81
C LYS B 186 10.38 -20.26 -12.30
N VAL B 187 9.77 -21.41 -12.05
CA VAL B 187 10.49 -22.57 -11.52
C VAL B 187 11.44 -23.10 -12.59
N GLU B 188 10.97 -23.18 -13.83
CA GLU B 188 11.77 -23.63 -14.95
C GLU B 188 12.89 -22.63 -15.22
N ALA B 189 12.62 -21.32 -15.15
CA ALA B 189 13.65 -20.33 -15.32
C ALA B 189 14.73 -20.52 -14.26
N ASN B 190 14.34 -20.71 -12.99
CA ASN B 190 15.35 -20.87 -11.96
C ASN B 190 16.12 -22.18 -12.09
N SER B 191 15.46 -23.26 -12.55
CA SER B 191 16.15 -24.52 -12.81
C SER B 191 17.20 -24.37 -13.90
N GLN B 192 16.84 -23.72 -15.03
CA GLN B 192 17.81 -23.49 -16.10
C GLN B 192 18.89 -22.51 -15.66
N PHE B 193 18.50 -21.41 -14.98
CA PHE B 193 19.47 -20.44 -14.53
C PHE B 193 20.45 -21.11 -13.59
N GLY B 194 19.95 -21.92 -12.68
CA GLY B 194 20.84 -22.66 -11.79
C GLY B 194 21.91 -23.46 -12.54
N LYS B 195 21.50 -24.18 -13.60
CA LYS B 195 22.45 -24.98 -14.35
C LYS B 195 23.44 -24.06 -15.06
N TYR B 196 22.93 -22.96 -15.65
CA TYR B 196 23.79 -21.99 -16.30
C TYR B 196 24.86 -21.44 -15.35
N ILE B 197 24.47 -21.10 -14.12
CA ILE B 197 25.44 -20.53 -13.21
C ILE B 197 26.46 -21.59 -12.83
N GLU B 198 25.96 -22.78 -12.48
CA GLU B 198 26.80 -23.93 -12.17
C GLU B 198 27.85 -24.12 -13.25
N ARG B 199 27.47 -23.96 -14.53
CA ARG B 199 28.36 -24.31 -15.63
C ARG B 199 29.33 -23.19 -15.94
N ASN B 200 28.99 -21.94 -15.59
CA ASN B 200 29.74 -20.80 -16.07
C ASN B 200 30.49 -20.05 -14.98
N TYR B 201 30.15 -20.29 -13.71
CA TYR B 201 30.52 -19.31 -12.69
C TYR B 201 32.03 -19.31 -12.52
N GLU B 202 32.65 -20.50 -12.43
CA GLU B 202 34.09 -20.62 -12.21
C GLU B 202 34.83 -19.95 -13.37
N ASP B 203 34.36 -20.20 -14.59
CA ASP B 203 34.99 -19.70 -15.80
C ASP B 203 34.94 -18.17 -15.85
N TRP B 204 34.03 -17.54 -15.12
CA TRP B 204 33.95 -16.09 -15.15
C TRP B 204 35.20 -15.46 -14.53
N PHE B 205 35.91 -16.20 -13.67
CA PHE B 205 37.11 -15.67 -13.02
C PHE B 205 38.38 -15.90 -13.84
N ALA B 206 38.29 -16.65 -14.95
CA ALA B 206 39.41 -16.76 -15.88
C ALA B 206 39.68 -15.39 -16.52
N PRO B 207 40.95 -15.09 -16.87
CA PRO B 207 41.30 -13.81 -17.49
C PRO B 207 40.62 -13.62 -18.83
N LYS B 208 40.06 -12.42 -19.04
CA LYS B 208 39.44 -11.99 -20.30
C LYS B 208 38.14 -12.76 -20.58
N ALA B 209 37.60 -13.44 -19.55
CA ALA B 209 36.29 -14.06 -19.64
C ALA B 209 35.23 -12.99 -19.89
N ASP B 210 34.30 -13.26 -20.82
CA ASP B 210 33.09 -12.48 -20.99
C ASP B 210 32.17 -12.79 -19.81
N LYS B 211 31.85 -11.77 -19.00
CA LYS B 211 31.13 -11.98 -17.75
C LYS B 211 30.30 -10.75 -17.42
N PRO B 212 29.18 -10.91 -16.70
CA PRO B 212 28.42 -9.76 -16.22
C PRO B 212 29.26 -9.05 -15.15
N ILE B 213 28.94 -7.77 -14.91
CA ILE B 213 29.43 -7.05 -13.75
C ILE B 213 28.95 -7.76 -12.48
N GLN B 214 29.84 -7.90 -11.51
CA GLN B 214 29.57 -8.57 -10.26
C GLN B 214 29.89 -7.65 -9.08
N SER B 215 29.58 -8.13 -7.87
CA SER B 215 29.66 -7.35 -6.64
C SER B 215 30.98 -6.60 -6.53
N HIS B 216 32.06 -7.35 -6.76
CA HIS B 216 33.42 -6.88 -6.52
C HIS B 216 33.87 -5.93 -7.64
N ASN B 217 33.13 -5.89 -8.74
CA ASN B 217 33.44 -4.99 -9.84
C ASN B 217 32.59 -3.72 -9.78
N LEU B 218 31.51 -3.75 -8.97
CA LEU B 218 30.41 -2.81 -9.13
C LEU B 218 30.90 -1.38 -8.93
N PHE B 219 31.64 -1.13 -7.85
CA PHE B 219 31.99 0.25 -7.52
C PHE B 219 32.89 0.86 -8.61
N LYS B 220 33.89 0.08 -9.03
CA LYS B 220 34.89 0.55 -9.97
C LYS B 220 34.29 0.75 -11.36
N GLU B 221 33.38 -0.14 -11.76
CA GLU B 221 32.93 -0.15 -13.14
C GLU B 221 31.78 0.82 -13.31
N LEU B 222 30.93 0.98 -12.28
CA LEU B 222 29.66 1.68 -12.47
C LEU B 222 29.53 2.92 -11.59
N VAL B 223 30.21 2.96 -10.43
CA VAL B 223 30.08 4.12 -9.57
C VAL B 223 31.15 5.15 -9.93
N VAL B 224 32.39 4.70 -10.11
CA VAL B 224 33.49 5.62 -10.34
C VAL B 224 33.26 6.47 -11.60
N PRO B 225 32.82 5.94 -12.76
CA PRO B 225 32.55 6.83 -13.89
C PRO B 225 31.59 7.97 -13.53
N GLU B 226 30.65 7.74 -12.59
CA GLU B 226 29.67 8.77 -12.23
C GLU B 226 30.36 9.82 -11.36
N ILE B 227 31.22 9.37 -10.44
CA ILE B 227 32.05 10.26 -9.65
C ILE B 227 32.95 11.12 -10.55
N LYS B 228 33.50 10.54 -11.62
CA LYS B 228 34.47 11.22 -12.47
C LYS B 228 33.82 12.26 -13.37
N LYS B 229 32.51 12.21 -13.58
CA LYS B 229 31.86 13.27 -14.34
C LYS B 229 31.99 14.61 -13.62
N LYS B 230 32.20 14.56 -12.29
CA LYS B 230 32.51 15.71 -11.46
C LYS B 230 31.45 16.81 -11.57
N ASP B 231 30.20 16.42 -11.89
CA ASP B 231 29.12 17.38 -12.12
C ASP B 231 28.33 17.63 -10.83
N LYS B 232 27.86 16.56 -10.17
CA LYS B 232 27.01 16.66 -8.99
C LYS B 232 27.49 15.69 -7.93
N PRO B 233 27.26 15.97 -6.63
CA PRO B 233 27.55 14.99 -5.58
C PRO B 233 26.63 13.77 -5.72
N ILE B 234 27.04 12.65 -5.12
CA ILE B 234 26.36 11.40 -5.32
C ILE B 234 25.88 10.84 -3.98
N LEU B 235 24.57 10.56 -3.92
CA LEU B 235 24.01 9.68 -2.90
C LEU B 235 23.97 8.25 -3.43
N PHE B 236 24.76 7.38 -2.80
CA PHE B 236 24.88 5.99 -3.18
C PHE B 236 24.15 5.19 -2.11
N VAL B 237 23.00 4.61 -2.49
CA VAL B 237 22.18 3.88 -1.53
C VAL B 237 22.26 2.39 -1.84
N VAL B 238 22.62 1.62 -0.81
CA VAL B 238 22.53 0.18 -0.89
C VAL B 238 21.43 -0.26 0.06
N ILE B 239 20.26 -0.59 -0.53
CA ILE B 239 19.18 -1.22 0.20
C ILE B 239 19.53 -2.70 0.29
N ASP B 240 19.80 -3.21 1.49
CA ASP B 240 20.11 -4.61 1.67
C ASP B 240 18.88 -5.42 1.24
N ASN B 241 19.13 -6.46 0.43
CA ASN B 241 18.19 -7.55 0.21
C ASN B 241 17.01 -7.09 -0.64
N LEU B 242 17.26 -6.26 -1.65
CA LEU B 242 16.19 -5.81 -2.54
C LEU B 242 16.09 -6.72 -3.77
N ARG B 243 14.93 -7.36 -3.91
CA ARG B 243 14.63 -8.17 -5.10
C ARG B 243 14.31 -7.24 -6.26
N TYR B 244 14.55 -7.71 -7.49
CA TYR B 244 14.25 -6.87 -8.64
C TYR B 244 12.78 -6.44 -8.63
N ASP B 245 11.85 -7.32 -8.18
CA ASP B 245 10.42 -7.01 -8.22
C ASP B 245 10.03 -5.95 -7.19
N GLN B 246 10.77 -5.88 -6.09
CA GLN B 246 10.58 -4.81 -5.12
C GLN B 246 11.00 -3.46 -5.70
N TRP B 247 12.15 -3.40 -6.39
CA TRP B 247 12.51 -2.20 -7.16
C TRP B 247 11.36 -1.82 -8.10
N LYS B 248 10.83 -2.81 -8.83
CA LYS B 248 9.79 -2.51 -9.80
C LYS B 248 8.56 -1.94 -9.09
N SER B 249 8.31 -2.40 -7.86
CA SER B 249 7.11 -1.99 -7.13
C SER B 249 7.17 -0.50 -6.78
N PHE B 250 8.36 0.11 -6.62
CA PHE B 250 8.39 1.51 -6.23
C PHE B 250 9.15 2.40 -7.20
N GLU B 251 9.41 1.89 -8.39
CA GLU B 251 9.93 2.70 -9.49
C GLU B 251 9.12 3.99 -9.72
N THR B 252 7.78 3.91 -9.71
CA THR B 252 6.99 5.08 -10.07
C THR B 252 6.96 6.10 -8.93
N VAL B 253 7.21 5.69 -7.68
CA VAL B 253 7.32 6.64 -6.58
C VAL B 253 8.60 7.47 -6.72
N ILE B 254 9.72 6.80 -6.96
CA ILE B 254 11.02 7.43 -7.10
C ILE B 254 10.95 8.49 -8.20
N SER B 255 10.19 8.20 -9.26
CA SER B 255 10.17 9.04 -10.45
C SER B 255 9.51 10.40 -10.17
N ASN B 256 8.88 10.58 -9.00
CA ASN B 256 8.36 11.89 -8.64
C ASN B 256 9.52 12.85 -8.34
N TYR B 257 10.69 12.32 -8.01
CA TYR B 257 11.79 13.09 -7.49
C TYR B 257 13.01 12.97 -8.38
N TYR B 258 13.16 11.83 -9.07
CA TYR B 258 14.39 11.46 -9.74
C TYR B 258 14.09 10.86 -11.12
N LYS B 259 14.86 11.25 -12.13
CA LYS B 259 14.70 10.74 -13.47
C LYS B 259 15.82 9.73 -13.75
N LEU B 260 15.41 8.49 -14.10
CA LEU B 260 16.34 7.40 -14.40
C LEU B 260 17.16 7.74 -15.65
N GLU B 261 18.49 7.70 -15.50
CA GLU B 261 19.46 7.94 -16.53
C GLU B 261 19.92 6.58 -17.08
N LYS B 262 20.19 5.61 -16.19
CA LYS B 262 20.76 4.35 -16.61
C LYS B 262 20.41 3.27 -15.59
N GLU B 263 20.11 2.09 -16.16
CA GLU B 263 19.84 0.90 -15.40
C GLU B 263 20.75 -0.20 -15.90
N VAL B 264 21.51 -0.79 -14.97
CA VAL B 264 22.37 -1.92 -15.26
C VAL B 264 22.02 -3.04 -14.29
N PRO B 265 21.33 -4.09 -14.74
CA PRO B 265 21.22 -5.32 -13.97
C PRO B 265 22.60 -5.96 -13.82
N TYR B 266 22.91 -6.43 -12.60
CA TYR B 266 24.22 -7.02 -12.36
C TYR B 266 24.01 -8.25 -11.50
N PHE B 267 25.08 -9.03 -11.34
CA PHE B 267 25.02 -10.33 -10.72
C PHE B 267 25.76 -10.28 -9.38
N SER B 268 25.05 -10.59 -8.30
CA SER B 268 25.73 -10.82 -7.03
C SER B 268 26.64 -12.03 -7.17
N ILE B 269 27.79 -11.99 -6.48
CA ILE B 269 28.64 -13.15 -6.32
C ILE B 269 27.96 -14.12 -5.37
N LEU B 270 28.57 -15.32 -5.28
CA LEU B 270 28.12 -16.36 -4.37
C LEU B 270 29.03 -16.40 -3.14
N PRO B 271 28.51 -16.69 -1.93
CA PRO B 271 27.09 -16.78 -1.67
C PRO B 271 26.41 -15.40 -1.80
N THR B 272 25.09 -15.43 -2.15
CA THR B 272 24.25 -14.25 -2.32
C THR B 272 23.79 -13.78 -0.93
N ALA B 273 24.75 -13.23 -0.17
CA ALA B 273 24.61 -12.94 1.25
C ALA B 273 25.51 -11.77 1.63
N THR B 274 25.05 -11.00 2.62
CA THR B 274 25.60 -9.70 2.98
C THR B 274 27.10 -9.74 3.29
N GLN B 275 27.49 -10.70 4.13
CA GLN B 275 28.88 -10.90 4.54
C GLN B 275 29.82 -10.97 3.34
N TYR B 276 29.38 -11.57 2.24
CA TYR B 276 30.24 -11.79 1.10
C TYR B 276 30.01 -10.69 0.06
N ALA B 277 28.78 -10.60 -0.45
CA ALA B 277 28.50 -9.76 -1.61
C ALA B 277 28.54 -8.29 -1.22
N ARG B 278 28.07 -7.94 -0.01
CA ARG B 278 27.98 -6.51 0.29
C ARG B 278 29.38 -5.95 0.56
N ASN B 279 30.17 -6.70 1.33
CA ASN B 279 31.58 -6.39 1.59
C ASN B 279 32.33 -6.27 0.28
N ALA B 280 32.09 -7.20 -0.65
CA ALA B 280 32.66 -7.12 -1.99
C ALA B 280 32.34 -5.80 -2.70
N ILE B 281 31.11 -5.29 -2.58
CA ILE B 281 30.78 -4.03 -3.21
C ILE B 281 31.71 -2.93 -2.67
N PHE B 282 31.90 -2.91 -1.36
CA PHE B 282 32.60 -1.79 -0.72
C PHE B 282 34.12 -1.97 -0.82
N SER B 283 34.60 -3.22 -0.76
CA SER B 283 36.02 -3.51 -0.81
C SER B 283 36.55 -3.43 -2.25
N GLY B 284 35.73 -3.84 -3.20
CA GLY B 284 36.16 -3.99 -4.59
C GLY B 284 36.95 -5.28 -4.82
N LEU B 285 36.83 -6.24 -3.89
CA LEU B 285 37.62 -7.45 -3.88
C LEU B 285 36.75 -8.67 -3.58
N MET B 286 37.11 -9.82 -4.15
CA MET B 286 36.46 -11.07 -3.75
C MET B 286 36.80 -11.35 -2.30
N PRO B 287 35.92 -12.06 -1.57
CA PRO B 287 36.19 -12.41 -0.17
C PRO B 287 37.55 -13.01 0.13
N LEU B 288 38.07 -13.88 -0.76
CA LEU B 288 39.39 -14.44 -0.53
C LEU B 288 40.43 -13.33 -0.48
N ASP B 289 40.35 -12.38 -1.41
CA ASP B 289 41.25 -11.25 -1.46
C ASP B 289 41.05 -10.34 -0.26
N MET B 290 39.83 -10.28 0.29
CA MET B 290 39.60 -9.47 1.47
C MET B 290 40.27 -10.16 2.66
N GLU B 291 40.23 -11.49 2.71
CA GLU B 291 40.87 -12.25 3.77
C GLU B 291 42.39 -12.03 3.73
N LYS B 292 42.94 -11.96 2.52
CA LYS B 292 44.37 -11.84 2.28
C LYS B 292 44.80 -10.41 2.58
N GLN B 293 44.18 -9.43 1.91
CA GLN B 293 44.63 -8.05 1.96
C GLN B 293 44.16 -7.37 3.24
N PHE B 294 43.08 -7.83 3.88
CA PHE B 294 42.56 -7.13 5.04
C PHE B 294 42.11 -8.13 6.11
N PRO B 295 43.02 -8.95 6.66
CA PRO B 295 42.64 -9.95 7.66
C PRO B 295 42.08 -9.38 8.96
N GLN B 296 42.38 -8.10 9.23
CA GLN B 296 41.90 -7.42 10.42
C GLN B 296 40.41 -7.06 10.29
N TYR B 297 39.86 -7.04 9.07
CA TYR B 297 38.45 -6.73 8.85
C TYR B 297 37.66 -7.98 8.45
N TRP B 298 38.20 -8.78 7.52
CA TRP B 298 37.49 -9.96 7.05
C TRP B 298 37.21 -10.91 8.22
N LYS B 299 35.97 -11.38 8.30
CA LYS B 299 35.56 -12.41 9.25
C LYS B 299 34.94 -13.57 8.45
N ASN B 300 35.39 -14.79 8.76
CA ASN B 300 34.80 -16.00 8.23
C ASN B 300 33.57 -16.36 9.08
N ASP B 301 32.77 -17.30 8.58
CA ASP B 301 31.48 -17.65 9.17
C ASP B 301 31.61 -18.08 10.64
N VAL B 302 32.72 -18.75 10.98
CA VAL B 302 32.90 -19.33 12.30
C VAL B 302 33.12 -18.25 13.36
N GLU B 303 33.72 -17.10 12.98
CA GLU B 303 34.03 -16.03 13.93
C GLU B 303 32.73 -15.40 14.44
N ASP B 304 32.72 -14.99 15.73
CA ASP B 304 31.52 -14.42 16.33
C ASP B 304 31.43 -12.94 15.94
N GLY B 305 30.19 -12.42 15.97
CA GLY B 305 29.94 -10.99 15.85
C GLY B 305 29.56 -10.56 14.43
N GLY B 306 29.29 -9.27 14.29
CA GLY B 306 28.83 -8.69 13.03
C GLY B 306 29.80 -9.00 11.89
N LYS B 307 29.24 -9.24 10.71
CA LYS B 307 30.01 -9.65 9.56
C LYS B 307 30.20 -8.50 8.58
N ASN B 308 29.59 -7.33 8.88
CA ASN B 308 29.71 -6.16 8.01
C ASN B 308 29.99 -4.92 8.85
N LEU B 309 30.99 -5.01 9.74
CA LEU B 309 31.31 -3.92 10.63
C LEU B 309 32.27 -2.90 9.99
N TYR B 310 32.89 -3.24 8.86
CA TYR B 310 34.09 -2.53 8.42
C TYR B 310 33.95 -2.04 6.97
N GLU B 311 32.71 -1.78 6.56
CA GLU B 311 32.41 -1.46 5.17
C GLU B 311 32.94 -0.07 4.83
N ALA B 312 32.82 0.90 5.76
CA ALA B 312 33.35 2.23 5.53
C ALA B 312 34.87 2.19 5.26
N GLU B 313 35.58 1.39 6.08
CA GLU B 313 37.02 1.21 5.97
C GLU B 313 37.35 0.50 4.66
N PHE B 314 36.57 -0.53 4.28
CA PHE B 314 36.78 -1.15 2.97
C PHE B 314 36.60 -0.12 1.87
N LEU B 315 35.56 0.72 1.98
CA LEU B 315 35.21 1.62 0.89
C LEU B 315 36.28 2.72 0.75
N SER B 316 36.73 3.25 1.90
CA SER B 316 37.78 4.26 1.93
C SER B 316 39.05 3.71 1.28
N ALA B 317 39.45 2.49 1.64
CA ALA B 317 40.62 1.86 1.03
C ALA B 317 40.45 1.70 -0.48
N GLN B 318 39.25 1.30 -0.94
CA GLN B 318 39.00 1.08 -2.36
C GLN B 318 39.16 2.41 -3.10
N ILE B 319 38.60 3.46 -2.50
CA ILE B 319 38.61 4.78 -3.12
C ILE B 319 40.06 5.24 -3.26
N LYS B 320 40.89 4.98 -2.23
CA LYS B 320 42.30 5.34 -2.27
C LYS B 320 43.00 4.53 -3.37
N ARG B 321 42.83 3.18 -3.40
CA ARG B 321 43.46 2.38 -4.45
C ARG B 321 43.10 2.91 -5.83
N LEU B 322 41.89 3.42 -6.03
CA LEU B 322 41.49 3.82 -7.37
C LEU B 322 41.96 5.24 -7.67
N GLY B 323 42.67 5.83 -6.68
CA GLY B 323 43.33 7.11 -6.85
C GLY B 323 42.38 8.29 -6.88
N LEU B 324 41.29 8.18 -6.11
CA LEU B 324 40.30 9.25 -6.07
C LEU B 324 40.59 10.13 -4.87
N ASN B 325 40.36 11.44 -5.05
CA ASN B 325 40.40 12.36 -3.93
C ASN B 325 39.02 13.03 -3.81
N ILE B 326 38.21 12.48 -2.88
CA ILE B 326 36.84 12.93 -2.72
C ILE B 326 36.49 13.00 -1.25
N LYS B 327 35.54 13.90 -0.98
CA LYS B 327 34.94 13.98 0.34
C LYS B 327 33.77 12.98 0.38
N GLU B 328 33.82 12.08 1.36
CA GLU B 328 33.13 10.81 1.27
C GLU B 328 32.75 10.37 2.67
N ASP B 329 31.47 9.99 2.88
CA ASP B 329 31.05 9.41 4.15
C ASP B 329 30.14 8.19 3.95
N TYR B 330 30.13 7.32 4.94
CA TYR B 330 29.37 6.08 4.96
C TYR B 330 28.45 6.08 6.18
N PHE B 331 27.19 5.67 5.97
CA PHE B 331 26.20 5.54 7.05
C PHE B 331 25.50 4.21 6.91
N LYS B 332 25.32 3.53 8.04
CA LYS B 332 24.57 2.28 8.10
C LYS B 332 23.34 2.49 8.99
N ILE B 333 22.15 2.40 8.38
CA ILE B 333 20.88 2.56 9.06
C ILE B 333 20.35 1.19 9.46
N THR B 334 20.22 1.00 10.78
CA THR B 334 19.74 -0.25 11.34
C THR B 334 18.36 -0.09 11.98
N ASN B 335 17.85 1.15 12.07
CA ASN B 335 16.56 1.42 12.71
C ASN B 335 15.95 2.72 12.22
N TYR B 336 14.68 2.92 12.61
CA TYR B 336 13.88 4.08 12.27
C TYR B 336 14.56 5.36 12.75
N ALA B 337 14.95 5.34 14.03
CA ALA B 337 15.55 6.48 14.71
C ALA B 337 16.76 6.96 13.92
N GLY B 338 17.66 6.04 13.62
CA GLY B 338 18.85 6.33 12.82
C GLY B 338 18.49 6.94 11.46
N GLY B 339 17.48 6.35 10.79
CA GLY B 339 17.02 6.86 9.51
C GLY B 339 16.49 8.28 9.61
N LYS B 340 15.67 8.54 10.64
CA LYS B 340 15.10 9.85 10.79
C LYS B 340 16.18 10.89 11.02
N LYS B 341 17.13 10.59 11.91
CA LYS B 341 18.25 11.47 12.21
C LYS B 341 18.98 11.86 10.93
N LEU B 342 19.26 10.87 10.07
CA LEU B 342 20.01 11.17 8.86
C LEU B 342 19.20 12.02 7.89
N ALA B 343 17.91 11.72 7.73
CA ALA B 343 17.07 12.54 6.86
C ALA B 343 17.03 13.99 7.37
N GLU B 344 16.87 14.15 8.68
CA GLU B 344 16.72 15.47 9.27
C GLU B 344 18.01 16.26 9.21
N ASN B 345 19.16 15.59 9.10
CA ASN B 345 20.43 16.30 9.18
C ASN B 345 21.21 16.12 7.88
N PHE B 346 20.53 15.75 6.79
CA PHE B 346 21.21 15.41 5.55
C PHE B 346 21.95 16.62 4.98
N LYS B 347 21.43 17.83 5.19
CA LYS B 347 22.00 19.03 4.57
C LYS B 347 23.44 19.23 5.03
N ALA B 348 23.81 18.65 6.19
CA ALA B 348 25.20 18.72 6.64
C ALA B 348 26.20 18.18 5.61
N LEU B 349 25.71 17.35 4.66
CA LEU B 349 26.55 16.57 3.78
C LEU B 349 26.53 17.20 2.39
N LYS B 350 26.02 18.43 2.29
CA LYS B 350 25.89 19.13 1.02
C LYS B 350 27.26 19.18 0.30
N GLY B 351 28.32 19.22 1.11
CA GLY B 351 29.67 19.45 0.62
C GLY B 351 30.44 18.19 0.26
N ASN B 352 29.83 17.01 0.44
CA ASN B 352 30.44 15.74 0.05
C ASN B 352 30.42 15.56 -1.47
N ASP B 353 31.40 14.81 -1.97
CA ASP B 353 31.31 14.24 -3.31
C ASP B 353 30.47 12.97 -3.29
N LEU B 354 30.52 12.21 -2.19
CA LEU B 354 29.84 10.93 -2.10
C LEU B 354 29.27 10.76 -0.70
N VAL B 355 27.98 10.40 -0.63
CA VAL B 355 27.37 9.87 0.58
C VAL B 355 26.89 8.45 0.28
N THR B 356 27.38 7.50 1.08
CA THR B 356 27.04 6.10 0.97
C THR B 356 26.14 5.74 2.15
N VAL B 357 24.93 5.27 1.84
CA VAL B 357 23.94 4.88 2.83
C VAL B 357 23.53 3.43 2.59
N VAL B 358 23.83 2.57 3.57
CA VAL B 358 23.30 1.21 3.65
C VAL B 358 22.05 1.28 4.52
N TYR B 359 20.96 0.73 3.98
CA TYR B 359 19.66 0.71 4.65
C TYR B 359 19.20 -0.74 4.76
N ASN B 360 19.08 -1.21 6.01
CA ASN B 360 18.87 -2.62 6.31
C ASN B 360 17.40 -3.03 6.45
N PHE B 361 16.46 -2.10 6.33
CA PHE B 361 15.09 -2.38 6.73
C PHE B 361 14.42 -3.51 5.95
N VAL B 362 14.64 -3.55 4.62
CA VAL B 362 14.01 -4.58 3.78
C VAL B 362 14.53 -5.98 4.12
N ASP B 363 15.84 -6.08 4.38
CA ASP B 363 16.42 -7.29 4.97
C ASP B 363 15.68 -7.68 6.24
N MET B 364 15.36 -6.71 7.10
CA MET B 364 14.70 -6.97 8.37
C MET B 364 13.29 -7.50 8.12
N LEU B 365 12.57 -6.89 7.16
CA LEU B 365 11.25 -7.36 6.78
C LEU B 365 11.31 -8.83 6.35
N SER B 366 12.27 -9.16 5.49
CA SER B 366 12.28 -10.47 4.86
C SER B 366 12.40 -11.59 5.90
N HIS B 367 13.12 -11.34 7.01
CA HIS B 367 13.26 -12.34 8.08
CA HIS B 367 13.26 -12.34 8.06
C HIS B 367 12.06 -12.27 9.02
N ALA B 368 11.48 -11.07 9.16
CA ALA B 368 10.36 -10.85 10.05
C ALA B 368 9.12 -11.55 9.54
N LYS B 369 9.05 -11.81 8.23
CA LYS B 369 7.93 -12.53 7.63
C LYS B 369 7.72 -13.89 8.32
N THR B 370 8.81 -14.56 8.68
CA THR B 370 8.77 -15.78 9.45
C THR B 370 8.46 -15.51 10.93
N GLU B 371 9.16 -14.54 11.53
CA GLU B 371 9.29 -14.46 12.99
C GLU B 371 8.16 -13.66 13.64
N MET B 372 7.80 -12.49 13.09
CA MET B 372 6.74 -11.65 13.65
C MET B 372 5.40 -11.88 12.98
N GLU B 373 4.35 -11.99 13.82
CA GLU B 373 3.03 -12.31 13.31
C GLU B 373 2.50 -11.11 12.50
N VAL B 374 2.94 -9.90 12.85
CA VAL B 374 2.59 -8.68 12.14
C VAL B 374 2.95 -8.82 10.65
N VAL B 375 4.24 -9.05 10.41
CA VAL B 375 4.75 -9.09 9.06
C VAL B 375 4.24 -10.34 8.34
N LYS B 376 3.97 -11.43 9.07
CA LYS B 376 3.48 -12.64 8.43
C LYS B 376 2.10 -12.37 7.83
N GLU B 377 1.26 -11.63 8.56
CA GLU B 377 -0.05 -11.27 8.05
C GLU B 377 0.09 -10.32 6.85
N LEU B 378 1.13 -9.45 6.86
CA LEU B 378 1.34 -8.42 5.85
C LEU B 378 2.09 -8.90 4.60
N ALA B 379 2.87 -9.98 4.71
CA ALA B 379 3.77 -10.36 3.62
C ALA B 379 3.70 -11.86 3.36
N SER B 380 2.50 -12.40 3.24
CA SER B 380 2.26 -13.84 3.24
C SER B 380 2.58 -14.46 1.88
N ASP B 381 2.50 -13.68 0.80
CA ASP B 381 2.95 -14.13 -0.50
C ASP B 381 3.73 -12.99 -1.15
N ASP B 382 4.16 -13.19 -2.39
CA ASP B 382 5.09 -12.27 -3.05
C ASP B 382 4.40 -10.95 -3.36
N LYS B 383 3.14 -11.01 -3.82
CA LYS B 383 2.32 -9.83 -4.05
C LYS B 383 2.23 -8.97 -2.78
N ALA B 384 1.99 -9.64 -1.64
CA ALA B 384 1.85 -8.93 -0.38
C ALA B 384 3.16 -8.28 0.02
N TYR B 385 4.26 -9.01 -0.20
CA TYR B 385 5.60 -8.55 0.12
C TYR B 385 5.90 -7.27 -0.67
N ARG B 386 5.64 -7.30 -1.98
CA ARG B 386 5.83 -6.10 -2.80
C ARG B 386 4.99 -4.94 -2.26
N SER B 387 3.70 -5.21 -2.01
CA SER B 387 2.77 -4.21 -1.52
C SER B 387 3.29 -3.60 -0.21
N LEU B 388 3.74 -4.43 0.73
CA LEU B 388 4.25 -3.94 1.99
C LEU B 388 5.52 -3.13 1.76
N THR B 389 6.37 -3.58 0.82
CA THR B 389 7.61 -2.88 0.51
C THR B 389 7.30 -1.48 -0.04
N LEU B 390 6.28 -1.41 -0.91
CA LEU B 390 5.91 -0.13 -1.50
C LEU B 390 5.36 0.79 -0.40
N SER B 391 4.52 0.27 0.49
CA SER B 391 4.00 1.08 1.59
C SER B 391 5.15 1.59 2.44
N TRP B 392 6.10 0.71 2.75
CA TRP B 392 7.31 1.07 3.51
C TRP B 392 8.03 2.21 2.83
N PHE B 393 8.35 2.03 1.54
CA PHE B 393 9.22 2.95 0.82
C PHE B 393 8.59 4.34 0.76
N LYS B 394 7.28 4.41 0.52
CA LYS B 394 6.59 5.68 0.39
C LYS B 394 6.59 6.46 1.68
N ASN B 395 6.74 5.79 2.82
CA ASN B 395 6.66 6.43 4.13
C ASN B 395 7.94 6.24 4.93
N SER B 396 9.04 5.89 4.25
CA SER B 396 10.29 5.56 4.92
C SER B 396 11.14 6.80 5.17
N PRO B 397 11.96 6.81 6.23
CA PRO B 397 13.05 7.79 6.31
C PRO B 397 13.98 7.75 5.10
N LEU B 398 14.11 6.58 4.46
CA LEU B 398 14.96 6.48 3.28
C LEU B 398 14.48 7.42 2.20
N LEU B 399 13.16 7.43 1.95
CA LEU B 399 12.66 8.29 0.92
C LEU B 399 12.85 9.76 1.32
N GLU B 400 12.78 10.06 2.63
CA GLU B 400 13.00 11.42 3.10
C GLU B 400 14.45 11.83 2.82
N ILE B 401 15.41 10.94 3.06
CA ILE B 401 16.80 11.15 2.67
C ILE B 401 16.93 11.43 1.17
N ILE B 402 16.22 10.65 0.34
CA ILE B 402 16.27 10.83 -1.10
C ILE B 402 15.70 12.18 -1.53
N GLN B 403 14.60 12.60 -0.92
CA GLN B 403 14.00 13.90 -1.20
C GLN B 403 14.99 15.01 -0.85
N GLN B 404 15.65 14.90 0.31
CA GLN B 404 16.64 15.89 0.74
C GLN B 404 17.77 15.97 -0.28
N ALA B 405 18.28 14.80 -0.67
CA ALA B 405 19.31 14.71 -1.69
C ALA B 405 18.85 15.35 -2.99
N GLN B 406 17.59 15.19 -3.35
CA GLN B 406 17.11 15.78 -4.59
C GLN B 406 17.16 17.32 -4.52
N LEU B 407 16.77 17.88 -3.35
CA LEU B 407 16.67 19.33 -3.15
C LEU B 407 18.06 19.96 -3.17
N LEU B 408 19.08 19.20 -2.75
CA LEU B 408 20.47 19.60 -2.82
C LEU B 408 21.14 19.27 -4.16
N GLY B 409 20.40 18.78 -5.17
CA GLY B 409 20.95 18.51 -6.50
C GLY B 409 21.89 17.29 -6.59
N PHE B 410 21.88 16.37 -5.60
CA PHE B 410 22.62 15.13 -5.69
C PHE B 410 22.11 14.25 -6.83
N LYS B 411 23.05 13.52 -7.44
CA LYS B 411 22.75 12.36 -8.26
C LYS B 411 22.46 11.20 -7.33
N LEU B 412 21.54 10.32 -7.75
CA LEU B 412 21.16 9.16 -6.97
C LEU B 412 21.64 7.90 -7.67
N ILE B 413 22.39 7.11 -6.92
CA ILE B 413 22.71 5.76 -7.30
C ILE B 413 22.02 4.84 -6.29
N LEU B 414 21.19 3.93 -6.81
CA LEU B 414 20.45 2.99 -6.00
C LEU B 414 20.76 1.55 -6.43
N THR B 415 21.12 0.72 -5.46
CA THR B 415 21.38 -0.67 -5.75
C THR B 415 21.17 -1.51 -4.49
N THR B 416 21.64 -2.76 -4.54
CA THR B 416 21.50 -3.73 -3.48
C THR B 416 22.64 -4.74 -3.56
N ASP B 417 22.72 -5.63 -2.57
CA ASP B 417 23.76 -6.63 -2.52
C ASP B 417 23.27 -7.98 -3.07
N HIS B 418 21.97 -8.28 -2.97
CA HIS B 418 21.39 -9.55 -3.39
C HIS B 418 19.89 -9.50 -3.07
N GLY B 419 19.12 -10.39 -3.70
CA GLY B 419 17.71 -10.54 -3.41
C GLY B 419 17.49 -11.79 -2.57
N THR B 420 16.24 -12.26 -2.58
CA THR B 420 15.85 -13.35 -1.71
C THR B 420 14.73 -14.10 -2.39
N ILE B 421 14.59 -15.38 -2.02
CA ILE B 421 13.62 -16.24 -2.66
C ILE B 421 12.84 -17.00 -1.60
N ASN B 422 11.56 -17.19 -1.89
CA ASN B 422 10.66 -18.00 -1.10
C ASN B 422 11.01 -19.47 -1.30
N VAL B 423 11.57 -20.10 -0.26
CA VAL B 423 12.00 -21.48 -0.37
C VAL B 423 10.80 -22.40 -0.15
N LYS B 424 10.81 -23.56 -0.83
CA LYS B 424 9.66 -24.46 -0.86
C LYS B 424 10.09 -25.91 -0.62
N ASN B 425 11.22 -26.36 -1.17
CA ASN B 425 11.50 -27.79 -1.21
C ASN B 425 12.73 -28.07 -0.37
N PRO B 426 12.65 -28.98 0.63
CA PRO B 426 13.82 -29.34 1.43
C PRO B 426 14.86 -30.21 0.74
N SER B 427 16.11 -30.07 1.18
CA SER B 427 17.25 -30.83 0.67
C SER B 427 18.13 -31.17 1.87
N LYS B 428 18.34 -32.47 2.11
CA LYS B 428 19.09 -32.95 3.26
C LYS B 428 20.56 -32.52 3.17
N VAL B 429 21.11 -32.13 4.32
CA VAL B 429 22.55 -32.00 4.52
C VAL B 429 22.86 -32.37 5.98
N VAL B 430 24.01 -32.99 6.27
CA VAL B 430 24.57 -32.95 7.62
C VAL B 430 26.04 -32.53 7.51
N GLY B 431 26.50 -31.72 8.47
CA GLY B 431 27.81 -31.09 8.41
C GLY B 431 28.82 -31.79 9.31
N ASN B 438 21.92 -19.92 8.03
CA ASN B 438 21.67 -19.68 6.59
C ASN B 438 21.38 -21.03 5.91
N LEU B 439 20.41 -21.01 4.96
CA LEU B 439 19.80 -22.21 4.44
C LEU B 439 19.93 -22.32 2.93
N ARG B 440 20.65 -21.41 2.28
CA ARG B 440 20.85 -21.53 0.84
C ARG B 440 22.32 -21.74 0.49
N TYR B 441 23.23 -21.71 1.49
CA TYR B 441 24.63 -22.09 1.30
C TYR B 441 25.15 -22.65 2.63
N LYS B 442 26.09 -23.60 2.55
CA LYS B 442 26.80 -24.13 3.70
C LYS B 442 28.28 -24.28 3.33
N THR B 443 29.15 -24.15 4.33
CA THR B 443 30.59 -24.37 4.16
C THR B 443 31.09 -25.22 5.31
N GLY B 444 31.96 -26.18 5.01
CA GLY B 444 32.48 -27.13 5.98
C GLY B 444 33.21 -28.28 5.28
N ARG B 445 33.75 -29.24 6.05
CA ARG B 445 34.74 -30.16 5.52
C ARG B 445 34.15 -31.52 5.15
N SER B 446 33.11 -31.96 5.86
CA SER B 446 32.57 -33.30 5.64
C SER B 446 31.03 -33.22 5.62
N LEU B 447 30.53 -32.79 4.46
CA LEU B 447 29.13 -32.52 4.21
C LEU B 447 28.52 -33.62 3.36
N THR B 448 27.32 -34.09 3.75
CA THR B 448 26.46 -34.88 2.87
C THR B 448 25.38 -33.98 2.28
N TYR B 449 25.05 -34.21 1.00
CA TYR B 449 24.08 -33.41 0.29
C TYR B 449 23.55 -34.18 -0.92
N GLU B 450 22.45 -33.67 -1.50
CA GLU B 450 21.95 -34.12 -2.78
C GLU B 450 22.61 -33.28 -3.87
N GLN B 451 23.54 -33.87 -4.62
CA GLN B 451 24.35 -33.12 -5.55
C GLN B 451 23.48 -32.48 -6.63
N LYS B 452 22.28 -33.03 -6.87
CA LYS B 452 21.43 -32.52 -7.94
C LYS B 452 20.84 -31.17 -7.53
N ASP B 453 20.74 -30.92 -6.23
CA ASP B 453 20.02 -29.78 -5.71
C ASP B 453 20.94 -28.58 -5.55
N VAL B 454 22.27 -28.79 -5.48
CA VAL B 454 23.23 -27.75 -5.14
C VAL B 454 24.29 -27.60 -6.24
N TYR B 455 24.91 -26.42 -6.26
CA TYR B 455 26.17 -26.20 -6.94
C TYR B 455 27.28 -26.44 -5.93
N VAL B 456 28.22 -27.32 -6.28
CA VAL B 456 29.25 -27.82 -5.38
C VAL B 456 30.57 -27.22 -5.79
N VAL B 457 31.29 -26.66 -4.82
CA VAL B 457 32.62 -26.12 -5.09
C VAL B 457 33.57 -26.73 -4.05
N LYS B 458 34.38 -27.72 -4.47
CA LYS B 458 35.30 -28.40 -3.56
C LYS B 458 36.59 -27.59 -3.38
N GLU B 459 36.86 -26.65 -4.31
CA GLU B 459 38.00 -25.75 -4.21
C GLU B 459 37.51 -24.29 -4.19
N PRO B 460 37.13 -23.78 -3.00
CA PRO B 460 36.65 -22.40 -2.86
C PRO B 460 37.49 -21.28 -3.45
N LYS B 461 38.81 -21.45 -3.45
CA LYS B 461 39.73 -20.41 -3.91
C LYS B 461 39.48 -20.12 -5.39
N THR B 462 38.99 -21.12 -6.14
CA THR B 462 38.74 -20.96 -7.57
C THR B 462 37.64 -19.93 -7.85
N ILE B 463 36.74 -19.69 -6.87
CA ILE B 463 35.70 -18.68 -7.03
C ILE B 463 35.85 -17.59 -5.96
N GLY B 464 37.09 -17.30 -5.57
CA GLY B 464 37.39 -16.12 -4.77
C GLY B 464 36.84 -16.21 -3.35
N LEU B 465 36.70 -17.44 -2.83
CA LEU B 465 36.19 -17.64 -1.49
C LEU B 465 37.26 -18.26 -0.58
N PRO B 466 37.25 -17.93 0.73
CA PRO B 466 38.19 -18.53 1.68
C PRO B 466 37.92 -20.01 1.92
N ALA B 467 38.92 -20.70 2.46
CA ALA B 467 38.82 -22.12 2.74
C ALA B 467 39.56 -22.43 4.04
N ILE B 468 38.87 -23.09 4.98
CA ILE B 468 39.50 -23.52 6.22
C ILE B 468 40.57 -24.57 5.90
N ASN B 469 40.23 -25.55 5.05
CA ASN B 469 41.14 -26.61 4.69
C ASN B 469 40.92 -27.04 3.24
N MET B 470 41.73 -28.00 2.77
CA MET B 470 41.56 -28.60 1.45
C MET B 470 40.22 -29.33 1.39
N SER B 471 39.84 -29.94 2.51
CA SER B 471 38.56 -30.63 2.64
C SER B 471 37.37 -29.66 2.56
N SER B 472 37.52 -28.45 3.14
CA SER B 472 36.44 -27.48 3.22
C SER B 472 35.95 -27.09 1.82
N SER B 473 34.62 -27.17 1.63
CA SER B 473 33.97 -26.77 0.39
C SER B 473 32.75 -25.88 0.67
N PHE B 474 32.17 -25.34 -0.41
CA PHE B 474 30.93 -24.61 -0.39
C PHE B 474 29.88 -25.34 -1.22
N ILE B 475 28.65 -25.39 -0.70
CA ILE B 475 27.51 -25.80 -1.51
C ILE B 475 26.49 -24.65 -1.53
N PHE B 476 25.91 -24.42 -2.71
CA PHE B 476 24.95 -23.36 -2.96
C PHE B 476 23.66 -23.99 -3.45
N ALA B 477 22.55 -23.72 -2.75
CA ALA B 477 21.25 -24.23 -3.14
C ALA B 477 20.81 -23.61 -4.46
N LYS B 478 20.20 -24.43 -5.30
CA LYS B 478 19.58 -23.99 -6.54
C LYS B 478 18.06 -23.97 -6.37
N ASN B 479 17.36 -23.49 -7.40
CA ASN B 479 15.91 -23.60 -7.47
C ASN B 479 15.33 -22.95 -6.22
N ASP B 480 14.34 -23.61 -5.59
CA ASP B 480 13.74 -23.10 -4.36
C ASP B 480 14.04 -24.05 -3.20
N PHE B 481 15.19 -24.73 -3.25
CA PHE B 481 15.60 -25.63 -2.19
C PHE B 481 15.97 -24.83 -0.93
N PHE B 482 15.66 -25.41 0.23
CA PHE B 482 16.36 -25.03 1.45
C PHE B 482 17.07 -26.25 2.02
N LEU B 483 18.26 -26.01 2.55
CA LEU B 483 19.11 -27.06 3.08
C LEU B 483 18.65 -27.35 4.50
N ALA B 484 18.22 -28.60 4.74
CA ALA B 484 17.54 -29.04 5.95
C ALA B 484 18.35 -30.17 6.59
N TYR B 485 18.59 -30.11 7.90
CA TYR B 485 19.38 -31.13 8.56
C TYR B 485 18.59 -32.43 8.77
N VAL B 486 19.16 -33.53 8.56
CA VAL B 486 18.37 -34.80 8.62
C VAL B 486 17.75 -34.93 10.00
N ASN B 487 18.54 -34.63 11.14
CA ASN B 487 17.92 -34.57 12.49
C ASN B 487 16.85 -33.48 12.54
N ASN B 488 15.70 -33.79 13.16
CA ASN B 488 14.61 -32.86 13.31
C ASN B 488 14.12 -32.38 11.94
N TYR B 489 14.11 -33.30 10.95
CA TYR B 489 13.79 -32.97 9.57
C TYR B 489 12.36 -32.44 9.47
N ASN B 490 11.41 -33.18 10.05
CA ASN B 490 10.00 -32.86 9.93
C ASN B 490 9.72 -31.45 10.49
N HIS B 491 10.30 -31.14 11.65
CA HIS B 491 10.09 -29.84 12.30
C HIS B 491 10.75 -28.74 11.46
N TYR B 492 11.97 -29.03 10.96
CA TYR B 492 12.72 -28.17 10.06
C TYR B 492 11.89 -27.75 8.84
N VAL B 493 11.29 -28.77 8.21
CA VAL B 493 10.56 -28.58 6.97
C VAL B 493 9.34 -27.73 7.25
N SER B 494 8.63 -28.05 8.34
CA SER B 494 7.42 -27.32 8.72
C SER B 494 7.76 -25.85 8.92
N TYR B 495 8.87 -25.61 9.62
CA TYR B 495 9.19 -24.26 10.05
C TYR B 495 9.71 -23.39 8.91
N TYR B 496 10.59 -23.93 8.05
CA TYR B 496 11.31 -23.10 7.09
C TYR B 496 10.64 -23.04 5.73
N LYS B 497 9.71 -23.96 5.43
CA LYS B 497 8.95 -23.89 4.20
C LYS B 497 8.29 -22.51 4.13
N ASN B 498 8.32 -21.92 2.92
CA ASN B 498 7.72 -20.62 2.62
C ASN B 498 8.31 -19.50 3.46
N THR B 499 9.64 -19.51 3.65
CA THR B 499 10.32 -18.39 4.25
C THR B 499 11.22 -17.78 3.19
N TYR B 500 11.64 -16.52 3.44
CA TYR B 500 12.56 -15.84 2.54
C TYR B 500 13.97 -16.21 2.94
N GLN B 501 14.70 -16.81 2.01
CA GLN B 501 16.11 -17.08 2.26
C GLN B 501 16.92 -16.56 1.08
N HIS B 502 18.22 -16.39 1.32
CA HIS B 502 19.17 -15.96 0.32
C HIS B 502 20.49 -16.65 0.60
N GLY B 503 21.41 -16.57 -0.38
CA GLY B 503 22.72 -17.20 -0.26
C GLY B 503 23.01 -18.16 -1.41
N GLY B 504 21.97 -18.54 -2.14
CA GLY B 504 22.07 -19.51 -3.22
C GLY B 504 21.93 -18.88 -4.60
N ILE B 505 21.58 -19.70 -5.59
CA ILE B 505 21.42 -19.30 -6.98
C ILE B 505 19.93 -19.24 -7.34
N SER B 506 19.50 -18.07 -7.79
CA SER B 506 18.20 -17.88 -8.42
C SER B 506 18.23 -16.50 -9.08
N LEU B 507 17.31 -16.23 -9.99
CA LEU B 507 17.15 -14.91 -10.56
C LEU B 507 16.90 -13.90 -9.44
N GLU B 508 16.06 -14.31 -8.47
CA GLU B 508 15.63 -13.42 -7.40
C GLU B 508 16.83 -13.01 -6.55
N GLU B 509 17.69 -14.00 -6.23
CA GLU B 509 18.85 -13.73 -5.39
C GLU B 509 19.94 -12.98 -6.15
N MET B 510 20.14 -13.28 -7.42
CA MET B 510 21.44 -13.02 -8.04
C MET B 510 21.38 -11.86 -9.02
N ILE B 511 20.28 -11.70 -9.79
CA ILE B 511 20.20 -10.60 -10.75
C ILE B 511 19.48 -9.43 -10.09
N ILE B 512 20.18 -8.32 -9.94
CA ILE B 512 19.78 -7.26 -9.04
C ILE B 512 20.02 -5.92 -9.70
N PRO B 513 19.24 -4.87 -9.35
CA PRO B 513 19.33 -3.59 -10.04
C PRO B 513 20.51 -2.73 -9.61
N PHE B 514 21.07 -2.03 -10.60
CA PHE B 514 21.92 -0.88 -10.37
C PHE B 514 21.35 0.28 -11.17
N LEU B 515 21.08 1.40 -10.49
CA LEU B 515 20.26 2.45 -11.06
C LEU B 515 20.91 3.80 -10.79
N VAL B 516 20.95 4.66 -11.83
CA VAL B 516 21.49 5.99 -11.73
C VAL B 516 20.41 6.97 -12.16
N PHE B 517 20.22 8.03 -11.37
CA PHE B 517 19.17 9.00 -11.64
C PHE B 517 19.71 10.42 -11.46
N ASN B 518 19.10 11.36 -12.21
CA ASN B 518 19.32 12.78 -12.04
C ASN B 518 18.11 13.39 -11.33
N PRO B 519 18.35 14.40 -10.45
CA PRO B 519 17.26 15.07 -9.73
C PRO B 519 16.37 15.82 -10.68
N LYS B 520 15.05 15.76 -10.45
CA LYS B 520 14.08 16.48 -11.24
C LYS B 520 13.91 17.91 -10.70
#